data_7SH1
#
_entry.id   7SH1
#
_cell.length_a   141.130
_cell.length_b   141.130
_cell.length_c   173.614
_cell.angle_alpha   90.00
_cell.angle_beta   90.00
_cell.angle_gamma   120.00
#
_symmetry.space_group_name_H-M   'P 31 2 1'
#
loop_
_entity.id
_entity.type
_entity.pdbx_description
1 polymer 'Excinuclease ABC subunit UvrA'
2 non-polymer "ADENOSINE-5'-DIPHOSPHATE"
3 non-polymer 'ZINC ION'
4 non-polymer 'CHLORIDE ION'
5 non-polymer 'MAGNESIUM ION'
6 water water
#
_entity_poly.entity_id   1
_entity_poly.type   'polypeptide(L)'
_entity_poly.pdbx_seq_one_letter_code
;MGSSHHHHHHSSGLVPRGSHMTAGTETDTQPAQLCAADSHDMIRVHGARENNLKNVQVEIPKRRLTVFTGVSGSGKSSLV
FDTIAAESQRLINETYSAFIQGFMPTLARPEVDVLDGLTTAILVDQQPMGTSLRSTVGTATDAGTLLRILFSRLAKPYIG
TQKAFAFNVASADASGVLVVNGKKIEKGFSVVGGMCLACEGIGSVSDIDPAQLFDASKSLADGAITVPGWKPDGWVVQSF
TESGFFDPHKAIRDYTEQERHGFLHGDPVKVKVKGVNTTYEGLLARVRKSFLSKDKETLQPHIRAFVDRAVTFSACSECH
GTRLSETARSAKIDGLSIADASAMQISDLAAWIRGLTDPSVTTLLTVLGQTLESFVQIGLGYLSLDRSSSTLSGGEAQRV
KMVRHLGSALTDVTYVFDEPTVGLHPHDIQRMNELLLRLRDKGNTVLVVEHKPETIVIADHVVDLGPLAGTKGGEVVFEG
TVEGLRASGTVTGRHLDDRASLKPSVRQRTGVVEVRGADAHNLRDVDVDIPLGVLTVVTGVAGSGKSSLIHGSVAGRDGV
VTVDQSPIKGSRRSNPATYTGMLEPIRKTFAKANGVKPALFSPNSEGACPTCKGAGVIYTDLAIMAGVATTCEDCGGKRF
QPSVLQYRVGGRDISEVFAMPVAEAAEFFRTGEARTPAACTVLDRLAEVGLGYLSLGQPLTTLSGGERQRLKLAGHMGGA
GSVYILDEPTSGLHLADVEQLLRLLDRLVDSGKTVIVVEHHQAVMAHADWIIDLGPGAGHDGGRVVFEGTPADLVAARST
LTGEHLAQYVGA
;
_entity_poly.pdbx_strand_id   A,B
#
# COMPACT_ATOMS: atom_id res chain seq x y z
N CYS A 35 -11.07 -17.40 -39.79
CA CYS A 35 -11.37 -18.89 -39.75
C CYS A 35 -12.04 -19.14 -38.42
N ALA A 36 -13.36 -19.34 -38.43
CA ALA A 36 -14.16 -19.46 -37.22
C ALA A 36 -13.55 -20.48 -36.26
N ALA A 37 -13.12 -21.66 -36.78
CA ALA A 37 -12.56 -22.73 -35.93
C ALA A 37 -11.38 -22.29 -35.10
N ASP A 38 -10.55 -21.39 -35.67
CA ASP A 38 -9.33 -20.84 -35.03
C ASP A 38 -9.55 -19.51 -34.27
N SER A 39 -10.80 -19.07 -34.13
CA SER A 39 -11.13 -17.74 -33.60
C SER A 39 -11.37 -17.68 -32.07
N HIS A 40 -11.46 -18.83 -31.38
CA HIS A 40 -11.89 -18.87 -29.99
C HIS A 40 -10.66 -18.90 -29.09
N ASP A 41 -9.95 -17.77 -29.10
CA ASP A 41 -8.64 -17.68 -28.47
C ASP A 41 -8.63 -16.93 -27.12
N MET A 42 -9.80 -16.75 -26.51
CA MET A 42 -9.94 -16.04 -25.19
C MET A 42 -10.91 -16.77 -24.35
N ILE A 43 -10.66 -16.88 -23.05
CA ILE A 43 -11.68 -17.30 -22.16
C ILE A 43 -12.35 -15.97 -21.76
N ARG A 44 -13.66 -15.85 -21.96
CA ARG A 44 -14.40 -14.57 -21.75
C ARG A 44 -15.37 -14.82 -20.65
N VAL A 45 -15.28 -14.05 -19.58
CA VAL A 45 -16.19 -14.19 -18.42
C VAL A 45 -17.04 -12.89 -18.40
N HIS A 46 -18.35 -12.99 -18.24
CA HIS A 46 -19.22 -11.81 -18.16
C HIS A 46 -20.18 -12.11 -17.08
N GLY A 47 -20.39 -11.15 -16.16
CA GLY A 47 -21.43 -11.33 -15.14
C GLY A 47 -21.13 -12.30 -14.04
N ALA A 48 -19.85 -12.37 -13.61
CA ALA A 48 -19.47 -13.26 -12.51
C ALA A 48 -19.83 -12.67 -11.16
N ARG A 49 -20.55 -13.43 -10.36
CA ARG A 49 -21.11 -12.94 -9.11
C ARG A 49 -20.92 -13.93 -8.00
N GLU A 50 -20.12 -14.99 -8.18
CA GLU A 50 -19.85 -15.85 -7.01
C GLU A 50 -19.27 -15.12 -5.81
N ASN A 51 -19.78 -15.46 -4.62
CA ASN A 51 -19.34 -14.86 -3.36
C ASN A 51 -19.32 -13.31 -3.40
N ASN A 52 -18.20 -12.62 -3.23
CA ASN A 52 -18.22 -11.19 -3.28
C ASN A 52 -18.04 -10.57 -4.66
N LEU A 53 -18.09 -11.35 -5.75
CA LEU A 53 -17.65 -10.83 -7.06
C LEU A 53 -18.75 -9.89 -7.55
N LYS A 54 -18.39 -8.70 -7.97
CA LYS A 54 -19.37 -7.65 -8.34
C LYS A 54 -19.64 -7.54 -9.84
N ASN A 55 -20.33 -8.56 -10.33
CA ASN A 55 -20.62 -8.69 -11.75
C ASN A 55 -19.40 -8.45 -12.65
N VAL A 56 -18.32 -9.15 -12.35
CA VAL A 56 -17.10 -8.86 -13.04
C VAL A 56 -17.04 -9.53 -14.43
N GLN A 57 -16.12 -8.99 -15.21
CA GLN A 57 -15.79 -9.41 -16.52
C GLN A 57 -14.31 -9.36 -16.72
N VAL A 58 -13.81 -10.41 -17.39
CA VAL A 58 -12.42 -10.47 -17.83
C VAL A 58 -12.30 -11.19 -19.21
N GLU A 59 -11.15 -11.04 -19.81
CA GLU A 59 -10.78 -11.67 -21.04
C GLU A 59 -9.39 -12.23 -20.84
N ILE A 60 -9.33 -13.56 -20.74
CA ILE A 60 -8.08 -14.24 -20.37
C ILE A 60 -7.54 -14.89 -21.68
N PRO A 61 -6.34 -14.58 -22.07
CA PRO A 61 -5.77 -15.08 -23.31
C PRO A 61 -5.35 -16.57 -23.19
N LYS A 62 -5.83 -17.37 -24.12
CA LYS A 62 -5.52 -18.81 -24.11
C LYS A 62 -4.09 -19.03 -24.42
N ARG A 63 -3.53 -20.13 -23.87
CA ARG A 63 -2.14 -20.48 -24.11
C ARG A 63 -1.14 -19.40 -23.68
N ARG A 64 -1.51 -18.68 -22.64
CA ARG A 64 -0.68 -17.67 -22.00
C ARG A 64 -0.73 -17.86 -20.49
N LEU A 65 0.20 -17.24 -19.79
CA LEU A 65 0.20 -17.33 -18.38
C LEU A 65 -0.55 -16.05 -17.83
N THR A 66 -1.65 -16.22 -17.12
CA THR A 66 -2.38 -15.10 -16.49
C THR A 66 -2.25 -15.26 -14.95
N VAL A 67 -1.72 -14.22 -14.30
CA VAL A 67 -1.58 -14.16 -12.85
C VAL A 67 -2.77 -13.34 -12.25
N PHE A 68 -3.41 -13.89 -11.23
CA PHE A 68 -4.51 -13.30 -10.50
C PHE A 68 -4.02 -12.87 -9.12
N THR A 69 -4.10 -11.56 -8.91
CA THR A 69 -3.48 -10.86 -7.78
C THR A 69 -4.59 -10.11 -6.93
N GLY A 70 -4.21 -9.65 -5.75
CA GLY A 70 -5.15 -9.00 -4.86
C GLY A 70 -5.00 -9.45 -3.45
N VAL A 71 -5.53 -8.64 -2.54
CA VAL A 71 -5.42 -9.02 -1.13
C VAL A 71 -6.28 -10.24 -0.80
N SER A 72 -5.98 -10.93 0.29
CA SER A 72 -6.83 -12.07 0.69
C SER A 72 -8.26 -11.57 0.88
N GLY A 73 -9.17 -12.38 0.45
CA GLY A 73 -10.57 -12.08 0.45
C GLY A 73 -10.99 -11.12 -0.63
N SER A 74 -10.14 -10.76 -1.57
CA SER A 74 -10.57 -9.86 -2.66
C SER A 74 -11.46 -10.51 -3.68
N GLY A 75 -11.38 -11.84 -3.75
CA GLY A 75 -12.15 -12.58 -4.73
C GLY A 75 -11.38 -13.49 -5.79
N LYS A 76 -10.08 -13.68 -5.62
CA LYS A 76 -9.24 -14.32 -6.60
C LYS A 76 -9.70 -15.76 -6.85
N SER A 77 -9.89 -16.51 -5.78
CA SER A 77 -10.26 -17.92 -5.90
C SER A 77 -11.73 -18.06 -6.29
N SER A 78 -12.61 -17.16 -5.81
CA SER A 78 -13.96 -17.06 -6.32
C SER A 78 -14.00 -17.03 -7.88
N LEU A 79 -13.16 -16.22 -8.48
CA LEU A 79 -13.12 -16.08 -9.94
C LEU A 79 -12.42 -17.31 -10.59
N VAL A 80 -11.27 -17.69 -10.10
CA VAL A 80 -10.41 -18.65 -10.79
C VAL A 80 -10.88 -20.07 -10.54
N PHE A 81 -11.11 -20.40 -9.30
CA PHE A 81 -11.50 -21.76 -8.92
C PHE A 81 -13.03 -21.99 -8.92
N ASP A 82 -13.79 -21.09 -8.31
CA ASP A 82 -15.25 -21.30 -8.12
C ASP A 82 -16.02 -20.90 -9.37
N THR A 83 -15.41 -20.18 -10.31
CA THR A 83 -16.08 -19.79 -11.54
C THR A 83 -15.44 -20.46 -12.77
N ILE A 84 -14.21 -20.07 -13.14
CA ILE A 84 -13.58 -20.51 -14.35
C ILE A 84 -13.33 -22.02 -14.35
N ALA A 85 -12.66 -22.54 -13.32
CA ALA A 85 -12.28 -23.93 -13.28
C ALA A 85 -13.49 -24.77 -12.99
N ALA A 86 -14.36 -24.34 -12.05
CA ALA A 86 -15.55 -25.13 -11.73
C ALA A 86 -16.45 -25.33 -12.96
N GLU A 87 -16.62 -24.31 -13.77
CA GLU A 87 -17.47 -24.42 -14.96
C GLU A 87 -16.84 -25.39 -16.02
N SER A 88 -15.53 -25.31 -16.27
CA SER A 88 -14.86 -26.30 -17.15
C SER A 88 -15.10 -27.71 -16.67
N GLN A 89 -15.01 -27.91 -15.37
CA GLN A 89 -15.15 -29.23 -14.78
C GLN A 89 -16.61 -29.75 -14.89
N ARG A 90 -17.55 -28.87 -14.62
CA ARG A 90 -18.94 -29.19 -14.87
C ARG A 90 -19.16 -29.56 -16.35
N LEU A 91 -18.69 -28.79 -17.29
CA LEU A 91 -18.99 -29.16 -18.66
C LEU A 91 -18.39 -30.54 -19.05
N ILE A 92 -17.25 -30.91 -18.48
CA ILE A 92 -16.61 -32.21 -18.78
C ILE A 92 -17.41 -33.26 -18.12
N ASN A 93 -17.76 -33.06 -16.86
CA ASN A 93 -18.54 -34.08 -16.13
C ASN A 93 -19.87 -34.46 -16.72
N GLU A 94 -20.64 -33.49 -17.25
CA GLU A 94 -21.90 -33.77 -17.94
C GLU A 94 -21.73 -34.65 -19.22
N THR A 95 -20.52 -34.75 -19.80
CA THR A 95 -20.29 -35.68 -20.93
C THR A 95 -20.06 -37.09 -20.49
N TYR A 96 -19.77 -37.34 -19.23
CA TYR A 96 -19.54 -38.70 -18.78
C TYR A 96 -20.85 -39.47 -18.68
N SER A 97 -20.80 -40.78 -18.94
CA SER A 97 -22.01 -41.60 -18.87
C SER A 97 -22.58 -41.41 -17.48
N ALA A 98 -23.89 -41.69 -17.34
CA ALA A 98 -24.60 -41.58 -16.05
C ALA A 98 -23.97 -42.46 -14.97
N PHE A 99 -23.57 -43.67 -15.35
CA PHE A 99 -22.88 -44.58 -14.42
C PHE A 99 -21.63 -43.88 -13.84
N ILE A 100 -20.77 -43.33 -14.71
CA ILE A 100 -19.62 -42.52 -14.23
C ILE A 100 -20.07 -41.24 -13.46
N GLN A 101 -21.09 -40.50 -13.96
CA GLN A 101 -21.69 -39.19 -13.43
C GLN A 101 -21.55 -38.03 -14.48
N LEU A 107 -22.19 -30.89 -8.97
CA LEU A 107 -21.50 -29.75 -9.59
C LEU A 107 -22.51 -28.77 -10.27
N ALA A 108 -22.92 -27.71 -9.56
CA ALA A 108 -23.86 -26.73 -10.10
C ALA A 108 -23.07 -25.64 -10.82
N ARG A 109 -23.70 -25.04 -11.81
CA ARG A 109 -23.08 -23.99 -12.55
C ARG A 109 -22.78 -22.85 -11.56
N PRO A 110 -21.57 -22.28 -11.60
CA PRO A 110 -21.40 -21.05 -10.82
C PRO A 110 -22.34 -19.92 -11.28
N GLU A 111 -22.43 -18.91 -10.42
CA GLU A 111 -23.21 -17.74 -10.71
C GLU A 111 -22.43 -16.80 -11.63
N VAL A 112 -22.74 -16.93 -12.91
CA VAL A 112 -22.07 -16.17 -13.95
C VAL A 112 -23.02 -16.14 -15.16
N ASP A 113 -22.98 -15.10 -15.97
CA ASP A 113 -23.88 -15.04 -17.13
C ASP A 113 -23.31 -15.75 -18.37
N VAL A 114 -22.20 -15.30 -18.86
CA VAL A 114 -21.56 -16.01 -19.95
C VAL A 114 -20.11 -16.36 -19.57
N LEU A 115 -19.73 -17.59 -19.95
CA LEU A 115 -18.40 -18.13 -19.75
C LEU A 115 -18.08 -18.80 -21.06
N ASP A 116 -17.36 -18.10 -21.94
CA ASP A 116 -17.07 -18.55 -23.31
C ASP A 116 -15.62 -18.88 -23.48
N GLY A 117 -15.33 -19.85 -24.34
CA GLY A 117 -13.93 -20.18 -24.67
C GLY A 117 -13.21 -21.06 -23.66
N LEU A 118 -13.94 -21.67 -22.76
CA LEU A 118 -13.39 -22.51 -21.75
C LEU A 118 -12.75 -23.76 -22.41
N THR A 119 -11.76 -24.31 -21.75
CA THR A 119 -11.19 -25.62 -22.12
C THR A 119 -11.25 -26.51 -20.92
N THR A 120 -10.73 -27.74 -21.10
CA THR A 120 -10.53 -28.63 -19.96
C THR A 120 -9.64 -27.91 -18.93
N ALA A 121 -10.01 -27.98 -17.69
CA ALA A 121 -9.25 -27.39 -16.64
C ALA A 121 -8.73 -28.44 -15.70
N ILE A 122 -7.48 -28.31 -15.27
CA ILE A 122 -6.92 -29.22 -14.27
C ILE A 122 -6.36 -28.37 -13.13
N LEU A 123 -6.82 -28.66 -11.92
CA LEU A 123 -6.45 -27.93 -10.72
C LEU A 123 -5.12 -28.45 -10.26
N VAL A 124 -4.13 -27.58 -10.05
CA VAL A 124 -2.85 -27.97 -9.45
C VAL A 124 -2.81 -27.24 -8.09
N ASP A 125 -3.51 -27.75 -7.10
CA ASP A 125 -3.74 -26.99 -5.87
C ASP A 125 -2.88 -27.58 -4.78
N GLN A 126 -2.93 -27.03 -3.59
CA GLN A 126 -2.17 -27.58 -2.46
C GLN A 126 -2.96 -28.63 -1.65
N GLN A 127 -4.01 -29.22 -2.23
CA GLN A 127 -4.76 -30.31 -1.57
C GLN A 127 -3.91 -31.59 -1.49
N PRO A 128 -4.10 -32.41 -0.44
CA PRO A 128 -3.28 -33.63 -0.36
C PRO A 128 -3.46 -34.65 -1.54
N MET A 129 -2.64 -35.68 -1.53
CA MET A 129 -2.83 -36.83 -2.42
C MET A 129 -3.14 -38.12 -1.63
N GLY A 130 -3.46 -38.01 -0.33
CA GLY A 130 -3.77 -39.15 0.54
C GLY A 130 -5.07 -38.99 1.30
N LEU A 133 -2.29 -43.86 4.89
CA LEU A 133 -2.89 -44.57 3.78
C LEU A 133 -1.94 -45.69 3.26
N ARG A 134 -2.27 -46.26 2.12
CA ARG A 134 -1.34 -47.13 1.38
C ARG A 134 -0.77 -46.32 0.22
N SER A 135 -0.57 -45.03 0.46
CA SER A 135 -0.31 -44.10 -0.60
C SER A 135 1.06 -43.47 -0.30
N THR A 136 1.99 -43.59 -1.24
CA THR A 136 3.33 -43.04 -1.13
C THR A 136 3.57 -42.17 -2.33
N VAL A 137 4.65 -41.40 -2.32
CA VAL A 137 5.08 -40.68 -3.54
C VAL A 137 5.25 -41.71 -4.73
N GLY A 138 5.78 -42.91 -4.49
CA GLY A 138 5.94 -43.92 -5.59
C GLY A 138 4.57 -44.37 -6.15
N THR A 139 3.64 -44.73 -5.28
CA THR A 139 2.31 -45.10 -5.73
C THR A 139 1.57 -43.98 -6.39
N ALA A 140 1.82 -42.71 -6.03
CA ALA A 140 1.12 -41.58 -6.64
C ALA A 140 1.68 -41.07 -7.96
N THR A 141 2.79 -41.62 -8.40
CA THR A 141 3.51 -41.13 -9.55
C THR A 141 3.82 -42.30 -10.54
N ASP A 142 4.12 -41.92 -11.77
CA ASP A 142 4.61 -42.85 -12.76
C ASP A 142 5.87 -43.54 -12.29
N ALA A 143 6.73 -42.81 -11.57
CA ALA A 143 8.06 -43.30 -11.12
C ALA A 143 7.98 -44.67 -10.40
N GLY A 144 6.98 -44.83 -9.57
CA GLY A 144 6.77 -46.01 -8.76
C GLY A 144 6.45 -47.18 -9.63
N THR A 145 5.52 -46.96 -10.56
CA THR A 145 5.09 -47.98 -11.49
C THR A 145 6.20 -48.43 -12.39
N LEU A 146 6.98 -47.48 -12.90
CA LEU A 146 8.06 -47.76 -13.77
C LEU A 146 9.21 -48.52 -13.02
N LEU A 147 9.48 -48.13 -11.78
CA LEU A 147 10.42 -48.82 -10.89
C LEU A 147 10.04 -50.32 -10.74
N ARG A 148 8.79 -50.61 -10.42
CA ARG A 148 8.30 -51.96 -10.29
C ARG A 148 8.47 -52.79 -11.56
N ILE A 149 8.22 -52.16 -12.68
CA ILE A 149 8.44 -52.77 -13.98
C ILE A 149 9.90 -53.04 -14.20
N LEU A 150 10.76 -52.08 -13.86
CA LEU A 150 12.17 -52.31 -14.01
C LEU A 150 12.61 -53.55 -13.18
N PHE A 151 12.19 -53.60 -11.93
CA PHE A 151 12.55 -54.70 -11.04
C PHE A 151 12.04 -56.05 -11.61
N SER A 152 10.76 -56.13 -11.99
CA SER A 152 10.22 -57.35 -12.68
C SER A 152 10.97 -57.83 -13.93
N ARG A 153 11.64 -56.95 -14.64
CA ARG A 153 12.41 -57.34 -15.79
C ARG A 153 13.87 -57.67 -15.52
N LEU A 154 14.46 -56.99 -14.56
CA LEU A 154 15.89 -57.00 -14.41
C LEU A 154 16.35 -57.70 -13.15
N ALA A 155 15.51 -57.75 -12.12
CA ALA A 155 15.94 -58.25 -10.84
C ALA A 155 16.01 -59.79 -10.81
N LYS A 156 16.92 -60.30 -9.97
CA LYS A 156 17.23 -61.76 -9.81
C LYS A 156 17.16 -62.06 -8.31
N PRO A 157 16.52 -63.12 -7.89
CA PRO A 157 15.80 -64.03 -8.77
C PRO A 157 14.53 -63.41 -9.32
N TYR A 158 14.07 -63.88 -10.49
CA TYR A 158 12.69 -63.65 -10.95
C TYR A 158 11.70 -64.02 -9.89
N ILE A 159 10.75 -63.11 -9.62
CA ILE A 159 9.63 -63.38 -8.72
C ILE A 159 8.24 -63.10 -9.29
N GLY A 160 8.18 -62.71 -10.53
CA GLY A 160 6.87 -62.30 -11.04
C GLY A 160 6.87 -61.00 -11.83
N THR A 161 5.65 -60.57 -12.15
CA THR A 161 5.39 -59.33 -12.94
C THR A 161 5.45 -58.10 -11.98
N GLN A 162 5.28 -56.89 -12.52
CA GLN A 162 5.38 -55.62 -11.75
C GLN A 162 4.61 -55.67 -10.47
N LYS A 163 3.46 -56.35 -10.45
CA LYS A 163 2.73 -56.39 -9.22
C LYS A 163 3.32 -57.25 -8.07
N ALA A 164 4.29 -58.11 -8.38
CA ALA A 164 4.99 -58.87 -7.27
C ALA A 164 5.86 -57.90 -6.36
N PHE A 165 6.11 -56.70 -6.89
CA PHE A 165 6.85 -55.68 -6.21
C PHE A 165 6.02 -54.58 -5.57
N ALA A 166 4.70 -54.78 -5.51
CA ALA A 166 3.75 -53.74 -5.06
C ALA A 166 3.19 -54.14 -3.75
N PHE A 167 2.89 -53.19 -2.88
CA PHE A 167 2.37 -53.48 -1.55
C PHE A 167 0.89 -53.18 -1.42
N ASN A 168 0.25 -52.83 -2.54
CA ASN A 168 -1.23 -52.99 -2.69
C ASN A 168 -1.65 -54.30 -3.35
N VAL A 192 -1.07 -61.40 -2.23
CA VAL A 192 -1.58 -60.24 -2.96
C VAL A 192 -0.41 -59.35 -3.45
N GLY A 193 0.36 -59.96 -4.35
CA GLY A 193 1.57 -59.36 -4.92
C GLY A 193 2.71 -59.30 -3.90
N GLY A 194 3.33 -58.12 -3.80
CA GLY A 194 4.49 -57.93 -2.95
C GLY A 194 4.21 -57.59 -1.53
N MET A 195 2.96 -57.48 -1.17
CA MET A 195 2.57 -57.00 0.14
C MET A 195 3.08 -57.86 1.28
N CYS A 196 3.48 -57.21 2.36
CA CYS A 196 3.85 -57.94 3.57
C CYS A 196 2.56 -58.36 4.28
N LEU A 197 2.39 -59.67 4.44
CA LEU A 197 1.12 -60.24 4.91
C LEU A 197 0.88 -59.87 6.35
N ALA A 198 1.95 -59.85 7.17
CA ALA A 198 1.89 -59.47 8.60
C ALA A 198 1.26 -58.10 8.89
N CYS A 199 1.74 -57.04 8.21
CA CYS A 199 1.21 -55.65 8.38
C CYS A 199 0.25 -55.16 7.28
N GLU A 200 0.02 -56.01 6.25
CA GLU A 200 -0.88 -55.73 5.12
C GLU A 200 -0.51 -54.44 4.34
N GLY A 201 0.78 -54.31 4.05
CA GLY A 201 1.32 -53.20 3.27
C GLY A 201 1.40 -51.82 3.92
N ILE A 202 1.36 -51.75 5.26
CA ILE A 202 1.21 -50.47 6.01
C ILE A 202 2.55 -49.78 6.31
N CYS A 316 7.03 -52.87 11.98
CA CYS A 316 6.71 -54.24 11.63
C CYS A 316 7.95 -55.12 11.69
N SER A 317 7.99 -56.05 12.64
CA SER A 317 9.13 -56.95 12.80
C SER A 317 9.51 -57.83 11.59
N GLU A 318 8.55 -58.11 10.70
CA GLU A 318 8.81 -59.02 9.54
C GLU A 318 9.44 -58.32 8.34
N CYS A 319 8.96 -57.12 8.02
CA CYS A 319 9.48 -56.34 6.88
C CYS A 319 10.25 -55.05 7.22
N HIS A 320 10.41 -54.73 8.51
CA HIS A 320 11.21 -53.59 8.98
C HIS A 320 10.72 -52.25 8.43
N GLY A 321 9.41 -52.09 8.31
CA GLY A 321 8.80 -50.84 7.78
C GLY A 321 8.68 -50.68 6.27
N THR A 322 9.31 -51.55 5.48
CA THR A 322 9.33 -51.40 3.99
C THR A 322 8.04 -51.75 3.25
N ARG A 323 7.16 -52.51 3.91
CA ARG A 323 5.80 -52.90 3.43
C ARG A 323 5.76 -54.10 2.50
N LEU A 324 6.91 -54.72 2.29
CA LEU A 324 7.08 -55.69 1.27
C LEU A 324 7.45 -57.06 1.88
N SER A 325 6.87 -58.11 1.31
CA SER A 325 7.17 -59.45 1.74
C SER A 325 8.66 -59.74 1.50
N GLU A 326 9.07 -60.87 2.07
CA GLU A 326 10.46 -61.36 1.97
C GLU A 326 10.80 -61.70 0.56
N THR A 327 9.85 -62.33 -0.13
CA THR A 327 10.05 -62.61 -1.54
C THR A 327 10.20 -61.30 -2.31
N ALA A 328 9.34 -60.33 -2.00
CA ALA A 328 9.43 -59.02 -2.76
C ALA A 328 10.83 -58.40 -2.61
N ARG A 329 11.34 -58.43 -1.38
CA ARG A 329 12.69 -57.94 -1.08
C ARG A 329 13.88 -58.79 -1.53
N SER A 330 13.65 -60.06 -1.88
CA SER A 330 14.74 -60.93 -2.37
C SER A 330 15.18 -60.61 -3.72
N ALA A 331 14.36 -59.90 -4.49
CA ALA A 331 14.72 -59.70 -5.85
C ALA A 331 15.62 -58.48 -5.98
N LYS A 332 16.80 -58.65 -6.59
CA LYS A 332 17.86 -57.65 -6.50
C LYS A 332 18.42 -57.24 -7.83
N ILE A 333 18.73 -55.95 -7.95
CA ILE A 333 19.55 -55.46 -9.05
C ILE A 333 20.76 -54.88 -8.34
N ASP A 334 21.94 -55.36 -8.70
CA ASP A 334 23.19 -54.88 -8.16
C ASP A 334 23.11 -54.73 -6.64
N GLY A 335 22.50 -55.70 -5.98
CA GLY A 335 22.50 -55.78 -4.55
C GLY A 335 21.32 -55.11 -3.90
N LEU A 336 20.54 -54.34 -4.65
CA LEU A 336 19.47 -53.52 -4.04
C LEU A 336 18.09 -54.13 -4.27
N SER A 337 17.23 -54.20 -3.27
CA SER A 337 15.86 -54.54 -3.54
C SER A 337 15.03 -53.25 -3.89
N ILE A 338 13.76 -53.42 -4.21
CA ILE A 338 12.92 -52.31 -4.51
C ILE A 338 12.66 -51.48 -3.25
N ALA A 339 12.69 -52.12 -2.08
CA ALA A 339 12.63 -51.39 -0.80
C ALA A 339 13.79 -50.42 -0.60
N ASP A 340 15.01 -50.84 -0.95
CA ASP A 340 16.20 -49.96 -0.97
C ASP A 340 16.04 -48.85 -2.00
N ALA A 341 15.66 -49.18 -3.22
CA ALA A 341 15.52 -48.14 -4.24
C ALA A 341 14.42 -47.05 -3.81
N SER A 342 13.33 -47.50 -3.22
CA SER A 342 12.30 -46.67 -2.70
C SER A 342 12.69 -45.84 -1.47
N ALA A 343 13.70 -46.27 -0.69
CA ALA A 343 14.10 -45.62 0.57
C ALA A 343 15.08 -44.49 0.29
N MET A 344 15.83 -44.57 -0.79
CA MET A 344 16.80 -43.57 -1.15
C MET A 344 16.14 -42.22 -1.53
N GLN A 345 16.90 -41.13 -1.51
CA GLN A 345 16.42 -39.86 -2.07
C GLN A 345 16.25 -40.04 -3.56
N ILE A 346 15.30 -39.32 -4.15
CA ILE A 346 15.12 -39.40 -5.57
C ILE A 346 16.35 -38.95 -6.30
N SER A 347 17.06 -37.98 -5.74
CA SER A 347 18.24 -37.55 -6.39
C SER A 347 19.32 -38.71 -6.53
N ASP A 348 19.49 -39.56 -5.52
CA ASP A 348 20.43 -40.71 -5.58
C ASP A 348 19.85 -41.86 -6.45
N LEU A 349 18.55 -42.10 -6.36
CA LEU A 349 17.88 -43.02 -7.27
C LEU A 349 18.08 -42.69 -8.72
N ALA A 350 18.01 -41.42 -9.09
CA ALA A 350 18.22 -41.04 -10.51
C ALA A 350 19.64 -41.43 -11.00
N ALA A 351 20.65 -41.18 -10.17
CA ALA A 351 22.05 -41.51 -10.50
C ALA A 351 22.23 -43.03 -10.61
N TRP A 352 21.67 -43.77 -9.66
CA TRP A 352 21.65 -45.23 -9.71
C TRP A 352 21.05 -45.76 -11.00
N ILE A 353 19.86 -45.29 -11.30
CA ILE A 353 19.16 -45.68 -12.52
C ILE A 353 20.02 -45.40 -13.75
N ARG A 354 20.63 -44.22 -13.81
CA ARG A 354 21.51 -43.86 -14.89
C ARG A 354 22.75 -44.79 -15.00
N GLY A 355 23.17 -45.40 -13.89
CA GLY A 355 24.32 -46.30 -13.85
C GLY A 355 24.05 -47.71 -14.37
N LEU A 356 22.78 -48.11 -14.41
CA LEU A 356 22.40 -49.41 -14.89
C LEU A 356 22.55 -49.51 -16.43
N THR A 357 23.28 -50.51 -16.89
CA THR A 357 23.41 -50.81 -18.34
C THR A 357 22.94 -52.24 -18.58
N ASP A 358 21.82 -52.40 -19.26
CA ASP A 358 21.40 -53.71 -19.66
C ASP A 358 20.55 -53.48 -20.89
N PRO A 359 21.02 -53.92 -22.08
CA PRO A 359 20.25 -53.79 -23.35
C PRO A 359 18.75 -54.19 -23.26
N SER A 360 18.39 -55.14 -22.38
CA SER A 360 16.98 -55.54 -22.21
C SER A 360 16.03 -54.38 -21.91
N VAL A 361 16.54 -53.30 -21.28
CA VAL A 361 15.69 -52.22 -20.75
C VAL A 361 16.27 -50.82 -21.01
N THR A 362 16.96 -50.63 -22.13
CA THR A 362 17.52 -49.32 -22.49
C THR A 362 16.42 -48.25 -22.46
N THR A 363 15.24 -48.59 -22.96
CA THR A 363 14.14 -47.64 -23.15
C THR A 363 13.44 -47.25 -21.80
N LEU A 364 13.22 -48.25 -20.94
CA LEU A 364 12.62 -48.03 -19.62
C LEU A 364 13.54 -47.23 -18.68
N LEU A 365 14.84 -47.47 -18.74
CA LEU A 365 15.81 -46.69 -18.00
C LEU A 365 15.84 -45.20 -18.40
N THR A 366 15.56 -44.93 -19.67
CA THR A 366 15.54 -43.58 -20.19
C THR A 366 14.23 -42.87 -19.74
N VAL A 367 13.10 -43.56 -19.83
CA VAL A 367 11.82 -43.06 -19.41
C VAL A 367 11.77 -42.85 -17.88
N LEU A 368 12.28 -43.83 -17.09
CA LEU A 368 12.32 -43.75 -15.62
C LEU A 368 13.26 -42.63 -15.17
N GLY A 369 14.47 -42.66 -15.72
CA GLY A 369 15.52 -41.65 -15.52
C GLY A 369 15.03 -40.23 -15.83
N GLN A 370 14.16 -40.08 -16.83
CA GLN A 370 13.58 -38.77 -17.15
C GLN A 370 12.56 -38.30 -16.13
N THR A 371 11.58 -39.15 -15.77
CA THR A 371 10.64 -38.75 -14.76
C THR A 371 11.38 -38.40 -13.41
N LEU A 372 12.41 -39.16 -13.06
CA LEU A 372 13.17 -38.88 -11.85
C LEU A 372 13.90 -37.56 -11.97
N GLU A 373 14.43 -37.27 -13.16
CA GLU A 373 15.16 -36.02 -13.36
C GLU A 373 14.23 -34.80 -13.20
N SER A 374 12.99 -34.94 -13.63
CA SER A 374 12.00 -33.94 -13.47
C SER A 374 11.65 -33.69 -11.99
N PHE A 375 11.52 -34.75 -11.12
CA PHE A 375 11.52 -34.51 -9.66
C PHE A 375 12.73 -33.69 -9.23
N VAL A 376 13.91 -33.99 -9.75
CA VAL A 376 15.07 -33.23 -9.32
C VAL A 376 14.99 -31.76 -9.75
N GLN A 377 14.59 -31.52 -10.98
CA GLN A 377 14.50 -30.20 -11.57
C GLN A 377 13.48 -29.35 -10.82
N ILE A 378 12.33 -29.91 -10.47
CA ILE A 378 11.34 -29.17 -9.71
C ILE A 378 11.76 -28.93 -8.26
N GLY A 379 12.85 -29.53 -7.83
CA GLY A 379 13.35 -29.37 -6.50
C GLY A 379 12.88 -30.39 -5.49
N LEU A 380 12.35 -31.55 -5.92
CA LEU A 380 11.92 -32.54 -4.95
C LEU A 380 12.90 -33.77 -4.84
N GLY A 381 14.15 -33.58 -5.25
CA GLY A 381 15.20 -34.55 -5.12
C GLY A 381 15.45 -35.17 -3.79
N TYR A 382 15.07 -34.44 -2.75
CA TYR A 382 15.19 -34.87 -1.36
C TYR A 382 14.12 -35.81 -0.85
N LEU A 383 13.00 -35.93 -1.56
CA LEU A 383 11.99 -36.86 -1.20
C LEU A 383 12.49 -38.27 -1.52
N SER A 384 11.92 -39.25 -0.87
CA SER A 384 12.10 -40.69 -1.30
C SER A 384 10.74 -41.19 -1.85
N LEU A 385 10.78 -42.19 -2.72
CA LEU A 385 9.55 -42.73 -3.28
C LEU A 385 8.74 -43.36 -2.20
N ASP A 386 9.33 -43.82 -1.10
CA ASP A 386 8.53 -44.45 -0.05
C ASP A 386 7.91 -43.47 0.97
N ARG A 387 8.05 -42.15 0.76
CA ARG A 387 7.48 -41.13 1.66
C ARG A 387 6.02 -41.23 1.54
N SER A 388 5.36 -41.30 2.69
CA SER A 388 3.92 -41.36 2.76
C SER A 388 3.28 -40.03 2.21
N SER A 389 2.34 -40.15 1.28
CA SER A 389 1.67 -39.03 0.68
C SER A 389 1.05 -38.09 1.68
N SER A 390 0.47 -38.61 2.76
CA SER A 390 -0.23 -37.78 3.73
C SER A 390 0.73 -36.88 4.49
N THR A 391 2.02 -37.19 4.55
CA THR A 391 2.98 -36.38 5.25
C THR A 391 3.65 -35.31 4.38
N LEU A 392 3.27 -35.19 3.13
CA LEU A 392 3.79 -34.06 2.32
C LEU A 392 3.19 -32.71 2.73
N SER A 393 3.96 -31.65 2.68
CA SER A 393 3.31 -30.34 2.79
C SER A 393 2.36 -30.07 1.56
N GLY A 394 1.52 -29.05 1.67
CA GLY A 394 0.75 -28.59 0.53
C GLY A 394 1.60 -28.27 -0.68
N GLY A 395 2.71 -27.56 -0.48
CA GLY A 395 3.62 -27.24 -1.52
C GLY A 395 4.28 -28.47 -2.23
N GLU A 396 4.75 -29.40 -1.42
CA GLU A 396 5.32 -30.61 -1.91
C GLU A 396 4.31 -31.39 -2.78
N ALA A 397 3.07 -31.54 -2.27
CA ALA A 397 1.97 -32.17 -2.94
C ALA A 397 1.71 -31.54 -4.24
N GLN A 398 1.67 -30.19 -4.27
CA GLN A 398 1.51 -29.50 -5.52
C GLN A 398 2.62 -29.76 -6.53
N ARG A 399 3.87 -29.74 -6.08
CA ARG A 399 4.97 -30.02 -6.96
C ARG A 399 5.01 -31.49 -7.44
N VAL A 400 4.57 -32.43 -6.63
CA VAL A 400 4.49 -33.83 -7.09
C VAL A 400 3.49 -33.93 -8.25
N LYS A 401 2.33 -33.25 -8.14
CA LYS A 401 1.37 -33.19 -9.22
C LYS A 401 1.92 -32.56 -10.45
N MET A 402 2.76 -31.53 -10.29
CA MET A 402 3.27 -30.77 -11.42
C MET A 402 4.25 -31.60 -12.25
N VAL A 403 4.91 -32.59 -11.63
CA VAL A 403 5.78 -33.51 -12.36
C VAL A 403 5.03 -34.29 -13.45
N ARG A 404 3.88 -34.77 -13.08
CA ARG A 404 2.93 -35.42 -13.97
C ARG A 404 2.48 -34.50 -15.12
N HIS A 405 2.14 -33.24 -14.84
CA HIS A 405 1.69 -32.32 -15.89
C HIS A 405 2.80 -31.94 -16.83
N LEU A 406 3.97 -31.70 -16.28
CA LEU A 406 5.11 -31.40 -17.14
C LEU A 406 5.47 -32.58 -18.10
N GLY A 407 5.21 -33.80 -17.66
CA GLY A 407 5.52 -34.98 -18.54
C GLY A 407 4.33 -35.33 -19.44
N SER A 408 3.14 -34.70 -19.26
CA SER A 408 1.92 -35.12 -19.97
C SER A 408 1.94 -34.61 -21.36
N ALA A 409 1.47 -35.42 -22.27
CA ALA A 409 1.35 -34.94 -23.68
C ALA A 409 0.07 -34.11 -23.91
N LEU A 410 -0.80 -33.98 -22.92
CA LEU A 410 -1.98 -33.10 -23.04
C LEU A 410 -1.58 -31.69 -23.37
N THR A 411 -2.34 -31.14 -24.30
CA THR A 411 -2.26 -29.75 -24.73
C THR A 411 -3.68 -29.16 -24.71
N ASP A 412 -3.73 -27.82 -24.82
CA ASP A 412 -4.99 -27.03 -24.73
C ASP A 412 -5.79 -27.26 -23.47
N VAL A 413 -5.08 -27.47 -22.39
CA VAL A 413 -5.61 -27.65 -21.10
C VAL A 413 -5.46 -26.26 -20.36
N THR A 414 -6.35 -25.97 -19.45
CA THR A 414 -6.16 -24.83 -18.55
C THR A 414 -5.66 -25.40 -17.22
N TYR A 415 -4.38 -25.20 -16.94
CA TYR A 415 -3.82 -25.63 -15.64
C TYR A 415 -4.00 -24.45 -14.65
N VAL A 416 -4.57 -24.74 -13.50
CA VAL A 416 -4.91 -23.68 -12.51
C VAL A 416 -4.15 -23.91 -11.19
N PHE A 417 -3.21 -23.05 -10.89
CA PHE A 417 -2.38 -23.16 -9.73
C PHE A 417 -2.76 -22.15 -8.60
N ASP A 418 -2.79 -22.64 -7.38
CA ASP A 418 -2.91 -21.86 -6.19
C ASP A 418 -1.55 -21.57 -5.55
N GLU A 419 -0.98 -20.39 -5.80
CA GLU A 419 0.17 -19.92 -5.12
C GLU A 419 1.36 -20.95 -5.16
N PRO A 420 1.88 -21.14 -6.35
CA PRO A 420 2.88 -22.17 -6.55
C PRO A 420 4.27 -21.86 -5.98
N THR A 421 4.46 -20.68 -5.36
CA THR A 421 5.69 -20.37 -4.65
C THR A 421 5.69 -20.83 -3.21
N VAL A 422 4.56 -21.35 -2.72
CA VAL A 422 4.43 -21.85 -1.38
C VAL A 422 5.53 -22.88 -1.09
N GLY A 423 6.18 -22.70 0.04
CA GLY A 423 7.21 -23.62 0.53
C GLY A 423 8.49 -23.51 -0.26
N LEU A 424 8.64 -22.51 -1.08
CA LEU A 424 9.89 -22.32 -1.77
C LEU A 424 10.76 -21.21 -1.19
N HIS A 425 12.02 -21.54 -1.04
CA HIS A 425 13.06 -20.61 -0.67
C HIS A 425 13.32 -19.55 -1.73
N PRO A 426 13.79 -18.36 -1.34
CA PRO A 426 14.06 -17.33 -2.33
C PRO A 426 14.95 -17.79 -3.51
N HIS A 427 15.88 -18.65 -3.19
CA HIS A 427 16.78 -19.20 -4.18
C HIS A 427 16.05 -20.01 -5.26
N ASP A 428 14.92 -20.59 -4.93
CA ASP A 428 14.23 -21.55 -5.80
C ASP A 428 13.00 -21.02 -6.58
N ILE A 429 12.69 -19.72 -6.42
CA ILE A 429 11.60 -19.13 -7.13
C ILE A 429 11.84 -19.10 -8.62
N GLN A 430 12.99 -18.65 -9.10
CA GLN A 430 13.21 -18.54 -10.52
C GLN A 430 12.93 -19.91 -11.24
N ARG A 431 13.32 -21.00 -10.63
CA ARG A 431 13.11 -22.35 -11.25
C ARG A 431 11.65 -22.69 -11.35
N MET A 432 10.85 -22.37 -10.34
CA MET A 432 9.40 -22.59 -10.44
C MET A 432 8.79 -21.67 -11.57
N ASN A 433 9.22 -20.43 -11.70
CA ASN A 433 8.78 -19.57 -12.78
C ASN A 433 9.07 -20.23 -14.13
N GLU A 434 10.27 -20.76 -14.29
CA GLU A 434 10.65 -21.39 -15.56
C GLU A 434 9.76 -22.59 -15.84
N LEU A 435 9.39 -23.35 -14.83
CA LEU A 435 8.50 -24.46 -15.06
C LEU A 435 7.09 -24.11 -15.42
N LEU A 436 6.54 -23.03 -14.80
CA LEU A 436 5.25 -22.52 -15.21
C LEU A 436 5.26 -22.09 -16.66
N LEU A 437 6.33 -21.41 -17.10
CA LEU A 437 6.39 -20.95 -18.45
C LEU A 437 6.58 -22.20 -19.41
N ARG A 438 7.31 -23.23 -18.94
CA ARG A 438 7.48 -24.48 -19.68
C ARG A 438 6.13 -25.11 -19.96
N LEU A 439 5.25 -25.19 -18.93
CA LEU A 439 3.96 -25.68 -19.07
C LEU A 439 3.08 -24.92 -20.05
N ARG A 440 3.16 -23.57 -20.02
CA ARG A 440 2.50 -22.77 -21.03
C ARG A 440 3.03 -23.15 -22.43
N ASP A 441 4.35 -23.23 -22.58
CA ASP A 441 4.99 -23.37 -23.86
C ASP A 441 4.74 -24.77 -24.52
N LYS A 442 4.26 -25.72 -23.75
CA LYS A 442 3.66 -26.99 -24.23
C LYS A 442 2.35 -26.80 -24.96
N GLY A 443 1.79 -25.58 -24.97
CA GLY A 443 0.55 -25.29 -25.57
C GLY A 443 -0.64 -25.28 -24.69
N ASN A 444 -0.50 -24.70 -23.49
CA ASN A 444 -1.53 -24.70 -22.50
C ASN A 444 -1.81 -23.31 -21.88
N THR A 445 -3.01 -23.10 -21.36
CA THR A 445 -3.34 -21.92 -20.58
C THR A 445 -2.92 -22.18 -19.15
N VAL A 446 -2.18 -21.26 -18.58
CA VAL A 446 -1.75 -21.39 -17.19
C VAL A 446 -2.33 -20.17 -16.38
N LEU A 447 -3.17 -20.50 -15.42
CA LEU A 447 -3.76 -19.55 -14.50
C LEU A 447 -3.12 -19.72 -13.14
N VAL A 448 -2.55 -18.62 -12.61
CA VAL A 448 -1.87 -18.68 -11.34
C VAL A 448 -2.37 -17.58 -10.32
N VAL A 449 -2.75 -18.00 -9.12
CA VAL A 449 -3.11 -17.02 -8.04
C VAL A 449 -1.82 -16.78 -7.28
N GLU A 450 -1.24 -15.58 -7.36
CA GLU A 450 -0.03 -15.29 -6.63
C GLU A 450 0.03 -13.91 -5.94
N HIS A 451 0.92 -13.83 -4.93
CA HIS A 451 1.26 -12.64 -4.19
C HIS A 451 2.68 -12.28 -4.37
N LYS A 452 3.52 -13.18 -4.88
CA LYS A 452 4.97 -12.90 -4.93
C LYS A 452 5.33 -12.10 -6.18
N PRO A 453 5.88 -10.89 -6.01
CA PRO A 453 6.24 -10.12 -7.19
C PRO A 453 7.20 -10.79 -8.20
N GLU A 454 8.17 -11.52 -7.72
CA GLU A 454 9.08 -12.23 -8.60
C GLU A 454 8.36 -13.22 -9.58
N THR A 455 7.20 -13.73 -9.21
CA THR A 455 6.37 -14.56 -10.11
C THR A 455 5.35 -13.75 -10.89
N ILE A 456 4.67 -12.81 -10.22
CA ILE A 456 3.77 -11.90 -10.93
C ILE A 456 4.41 -11.31 -12.17
N VAL A 457 5.64 -10.83 -12.11
CA VAL A 457 6.20 -10.12 -13.21
C VAL A 457 6.53 -10.98 -14.43
N ILE A 458 6.44 -12.30 -14.34
CA ILE A 458 6.58 -13.12 -15.60
C ILE A 458 5.30 -13.27 -16.40
N ALA A 459 4.18 -12.76 -15.90
CA ALA A 459 2.92 -13.01 -16.51
C ALA A 459 2.80 -12.32 -17.87
N ASP A 460 2.07 -13.00 -18.77
CA ASP A 460 1.62 -12.37 -20.00
C ASP A 460 0.46 -11.43 -19.71
N HIS A 461 -0.33 -11.70 -18.67
CA HIS A 461 -1.53 -10.89 -18.42
C HIS A 461 -1.82 -10.94 -16.89
N VAL A 462 -2.36 -9.84 -16.35
CA VAL A 462 -2.65 -9.72 -14.95
C VAL A 462 -4.09 -9.44 -14.79
N VAL A 463 -4.72 -10.08 -13.82
CA VAL A 463 -6.05 -9.77 -13.39
C VAL A 463 -5.95 -9.50 -11.86
N ASP A 464 -6.20 -8.25 -11.45
CA ASP A 464 -6.01 -7.79 -10.04
C ASP A 464 -7.38 -7.55 -9.44
N LEU A 465 -7.69 -8.25 -8.35
CA LEU A 465 -8.97 -8.19 -7.70
C LEU A 465 -8.84 -7.23 -6.49
N GLY A 466 -9.94 -6.55 -6.17
CA GLY A 466 -9.87 -5.54 -5.11
C GLY A 466 -11.16 -4.69 -5.09
N PRO A 467 -11.12 -3.50 -4.48
CA PRO A 467 -9.93 -2.89 -4.01
C PRO A 467 -9.29 -3.56 -2.84
N LEU A 468 -10.12 -4.04 -1.93
CA LEU A 468 -9.65 -4.61 -0.69
C LEU A 468 -10.41 -5.91 -0.54
N ALA A 469 -10.74 -6.33 0.67
CA ALA A 469 -11.35 -7.66 0.94
C ALA A 469 -12.82 -7.64 1.18
N GLY A 470 -13.48 -8.76 0.87
CA GLY A 470 -14.89 -8.97 1.21
C GLY A 470 -15.82 -8.02 0.50
N THR A 471 -16.66 -7.32 1.26
CA THR A 471 -17.52 -6.23 0.69
C THR A 471 -16.70 -5.09 0.14
N LYS A 472 -15.48 -4.87 0.63
CA LYS A 472 -14.60 -3.86 0.04
C LYS A 472 -13.80 -4.39 -1.19
N GLY A 473 -14.10 -5.59 -1.67
CA GLY A 473 -13.37 -6.15 -2.83
C GLY A 473 -14.32 -6.66 -3.87
N GLY A 474 -13.90 -7.69 -4.62
CA GLY A 474 -14.80 -8.34 -5.54
C GLY A 474 -14.86 -7.60 -6.85
N GLU A 475 -13.97 -6.64 -7.05
CA GLU A 475 -13.95 -6.02 -8.32
C GLU A 475 -12.64 -6.32 -9.01
N VAL A 476 -12.68 -6.28 -10.35
CA VAL A 476 -11.43 -6.25 -11.14
C VAL A 476 -10.93 -4.83 -11.21
N VAL A 477 -9.92 -4.49 -10.44
CA VAL A 477 -9.44 -3.14 -10.36
C VAL A 477 -8.33 -2.89 -11.29
N PHE A 478 -7.68 -3.94 -11.83
CA PHE A 478 -6.80 -3.73 -12.96
C PHE A 478 -6.83 -5.02 -13.83
N GLU A 479 -6.71 -4.90 -15.15
CA GLU A 479 -6.48 -6.04 -16.04
C GLU A 479 -5.60 -5.59 -17.16
N GLY A 480 -4.50 -6.28 -17.44
CA GLY A 480 -3.60 -5.87 -18.47
C GLY A 480 -2.25 -6.43 -18.29
N THR A 481 -1.26 -5.69 -18.76
CA THR A 481 0.08 -6.03 -18.66
C THR A 481 0.71 -5.85 -17.27
N VAL A 482 1.85 -6.50 -17.04
CA VAL A 482 2.58 -6.34 -15.81
C VAL A 482 3.05 -4.85 -15.65
N GLU A 483 3.51 -4.22 -16.73
CA GLU A 483 3.97 -2.81 -16.70
C GLU A 483 2.79 -1.88 -16.35
N GLY A 484 1.60 -2.20 -16.83
CA GLY A 484 0.33 -1.61 -16.49
C GLY A 484 0.00 -1.74 -15.02
N LEU A 485 0.22 -2.94 -14.48
CA LEU A 485 0.01 -3.18 -13.09
C LEU A 485 0.90 -2.29 -12.26
N ARG A 486 2.18 -2.21 -12.62
CA ARG A 486 3.11 -1.41 -11.91
C ARG A 486 2.68 0.08 -11.83
N ALA A 487 2.07 0.60 -12.90
CA ALA A 487 1.62 2.00 -12.98
C ALA A 487 0.24 2.21 -12.44
N SER A 488 -0.46 1.14 -12.11
CA SER A 488 -1.86 1.22 -11.97
C SER A 488 -2.30 2.01 -10.67
N GLY A 489 -1.52 2.01 -9.62
CA GLY A 489 -2.01 2.47 -8.31
C GLY A 489 -2.96 1.65 -7.53
N THR A 490 -3.18 0.37 -7.89
CA THR A 490 -4.01 -0.45 -7.07
C THR A 490 -3.15 -0.78 -5.84
N VAL A 491 -3.79 -1.39 -4.88
CA VAL A 491 -3.05 -1.96 -3.70
C VAL A 491 -1.91 -2.86 -4.14
N THR A 492 -2.22 -3.76 -5.08
CA THR A 492 -1.14 -4.61 -5.60
C THR A 492 -0.08 -3.79 -6.25
N GLY A 493 -0.47 -2.93 -7.15
CA GLY A 493 0.53 -2.15 -7.78
C GLY A 493 1.43 -1.35 -6.84
N ARG A 494 0.84 -0.78 -5.78
CA ARG A 494 1.62 0.08 -4.85
C ARG A 494 2.59 -0.72 -4.03
N HIS A 495 2.32 -2.00 -3.82
CA HIS A 495 3.21 -2.88 -3.01
C HIS A 495 4.19 -3.71 -3.80
N LEU A 496 4.10 -3.67 -5.11
CA LEU A 496 4.99 -4.54 -5.96
C LEU A 496 6.44 -4.44 -5.69
N ASP A 497 6.91 -3.23 -5.39
CA ASP A 497 8.31 -2.95 -5.19
C ASP A 497 8.68 -2.76 -3.71
N ASP A 498 7.81 -3.14 -2.80
CA ASP A 498 8.13 -3.15 -1.35
C ASP A 498 9.14 -4.14 -0.93
N ARG A 499 10.16 -3.63 -0.26
CA ARG A 499 11.22 -4.43 0.29
C ARG A 499 11.34 -3.96 1.72
N ALA A 500 11.04 -4.82 2.69
CA ALA A 500 11.24 -4.44 4.07
C ALA A 500 12.71 -4.23 4.33
N SER A 501 12.99 -3.49 5.38
CA SER A 501 14.35 -3.29 5.80
C SER A 501 14.50 -3.97 7.16
N LEU A 502 15.75 -4.28 7.49
CA LEU A 502 16.08 -4.82 8.78
C LEU A 502 15.70 -3.81 9.90
N LYS A 503 15.31 -4.32 11.07
CA LYS A 503 15.08 -3.44 12.23
C LYS A 503 16.39 -2.83 12.71
N PRO A 504 16.35 -1.56 13.19
CA PRO A 504 17.61 -0.90 13.63
C PRO A 504 18.14 -1.54 14.92
N SER A 505 17.27 -2.21 15.66
CA SER A 505 17.72 -3.02 16.77
C SER A 505 16.79 -4.19 16.95
N VAL A 506 17.24 -5.18 17.71
CA VAL A 506 16.41 -6.36 17.99
C VAL A 506 16.19 -6.54 19.46
N ARG A 507 15.16 -7.30 19.78
CA ARG A 507 14.86 -7.66 21.15
C ARG A 507 15.90 -8.57 21.74
N GLN A 508 16.01 -8.53 23.07
CA GLN A 508 16.97 -9.33 23.83
C GLN A 508 16.28 -10.51 24.41
N ARG A 509 16.93 -11.68 24.30
CA ARG A 509 16.29 -12.89 24.83
C ARG A 509 16.12 -12.85 26.37
N THR A 510 15.06 -13.47 26.85
CA THR A 510 14.76 -13.61 28.26
C THR A 510 15.01 -15.02 28.75
N GLY A 511 15.80 -15.80 28.01
CA GLY A 511 15.86 -17.26 28.18
C GLY A 511 16.20 -17.99 26.87
N VAL A 512 16.05 -19.30 26.88
CA VAL A 512 16.62 -20.14 25.83
C VAL A 512 15.82 -21.43 25.90
N VAL A 513 15.44 -21.99 24.74
CA VAL A 513 14.96 -23.37 24.65
C VAL A 513 16.15 -24.14 24.16
N GLU A 514 16.56 -25.13 24.93
CA GLU A 514 17.80 -25.88 24.64
C GLU A 514 17.45 -27.12 23.86
N VAL A 515 17.88 -27.20 22.60
CA VAL A 515 17.65 -28.35 21.76
C VAL A 515 18.93 -29.09 21.69
N ARG A 516 18.91 -30.40 21.94
CA ARG A 516 20.12 -31.17 21.96
C ARG A 516 19.99 -32.50 21.26
N GLY A 517 20.94 -32.88 20.44
CA GLY A 517 20.89 -34.18 19.80
C GLY A 517 19.73 -34.40 18.83
N ALA A 518 19.10 -33.32 18.32
CA ALA A 518 17.96 -33.45 17.33
C ALA A 518 18.46 -34.26 16.14
N ASP A 519 17.81 -35.38 15.93
CA ASP A 519 18.21 -36.29 14.86
C ASP A 519 17.04 -36.82 14.03
N ALA A 520 15.85 -36.25 14.20
CA ALA A 520 14.74 -36.55 13.31
C ALA A 520 15.17 -36.38 11.84
N HIS A 521 14.82 -37.39 11.01
CA HIS A 521 15.01 -37.35 9.59
C HIS A 521 16.40 -37.10 9.14
N ASN A 522 16.68 -35.98 8.47
CA ASN A 522 18.04 -35.70 8.06
C ASN A 522 18.94 -34.91 9.08
N LEU A 523 18.45 -34.65 10.29
CA LEU A 523 19.12 -33.69 11.18
C LEU A 523 20.38 -34.32 11.80
N ARG A 524 21.46 -33.57 11.81
CA ARG A 524 22.79 -34.15 12.06
C ARG A 524 23.15 -33.92 13.53
N ASP A 525 22.36 -34.49 14.43
CA ASP A 525 22.59 -34.39 15.88
C ASP A 525 22.73 -32.97 16.31
N VAL A 526 21.72 -32.18 15.97
CA VAL A 526 21.81 -30.73 16.11
C VAL A 526 21.66 -30.30 17.56
N ASP A 527 22.56 -29.44 17.99
CA ASP A 527 22.44 -28.69 19.23
C ASP A 527 22.21 -27.23 18.91
N VAL A 528 21.13 -26.66 19.40
CA VAL A 528 20.89 -25.27 19.15
C VAL A 528 20.10 -24.75 20.29
N ASP A 529 20.38 -23.52 20.64
CA ASP A 529 19.51 -22.74 21.54
C ASP A 529 18.58 -21.77 20.79
N ILE A 530 17.28 -21.87 21.01
CA ILE A 530 16.29 -20.98 20.45
C ILE A 530 15.94 -19.89 21.52
N PRO A 531 16.03 -18.59 21.20
CA PRO A 531 15.80 -17.59 22.24
C PRO A 531 14.35 -17.39 22.62
N LEU A 532 14.12 -17.24 23.91
CA LEU A 532 12.79 -17.00 24.44
C LEU A 532 12.57 -15.47 24.52
N GLY A 533 11.32 -15.05 24.48
CA GLY A 533 10.92 -13.62 24.47
C GLY A 533 11.16 -12.80 23.23
N VAL A 534 11.44 -13.45 22.08
CA VAL A 534 11.73 -12.74 20.82
C VAL A 534 11.09 -13.43 19.64
N LEU A 535 11.16 -12.80 18.46
CA LEU A 535 10.60 -13.37 17.23
C LEU A 535 11.76 -14.13 16.61
N THR A 536 11.71 -15.45 16.62
CA THR A 536 12.71 -16.22 15.86
C THR A 536 12.14 -16.66 14.51
N VAL A 537 12.94 -16.49 13.45
CA VAL A 537 12.59 -16.99 12.13
C VAL A 537 13.50 -18.13 11.73
N VAL A 538 12.90 -19.29 11.40
CA VAL A 538 13.68 -20.47 11.02
C VAL A 538 13.58 -20.55 9.51
N THR A 539 14.74 -20.61 8.84
CA THR A 539 14.84 -20.49 7.41
C THR A 539 15.72 -21.64 6.87
N GLY A 540 15.78 -21.71 5.55
CA GLY A 540 16.67 -22.62 4.81
C GLY A 540 15.83 -23.27 3.70
N VAL A 541 16.51 -23.87 2.74
CA VAL A 541 15.82 -24.43 1.57
C VAL A 541 14.86 -25.54 1.94
N ALA A 542 13.84 -25.74 1.12
CA ALA A 542 12.92 -26.85 1.32
C ALA A 542 13.79 -28.11 1.44
N GLY A 543 13.36 -28.94 2.33
CA GLY A 543 14.05 -30.14 2.72
C GLY A 543 15.33 -29.99 3.52
N SER A 544 15.65 -28.78 4.01
CA SER A 544 16.86 -28.61 4.81
C SER A 544 16.72 -29.16 6.20
N GLY A 545 15.49 -29.33 6.67
CA GLY A 545 15.17 -29.89 7.98
C GLY A 545 14.49 -28.97 9.00
N LYS A 546 13.83 -27.88 8.55
CA LYS A 546 13.21 -26.89 9.42
C LYS A 546 12.10 -27.48 10.23
N SER A 547 11.16 -28.13 9.59
CA SER A 547 10.07 -28.71 10.26
C SER A 547 10.55 -29.94 11.10
N SER A 548 11.52 -30.68 10.62
CA SER A 548 12.02 -31.85 11.41
C SER A 548 12.56 -31.30 12.79
N LEU A 549 13.30 -30.20 12.72
CA LEU A 549 13.84 -29.58 13.92
C LEU A 549 12.80 -29.07 14.82
N ILE A 550 11.93 -28.21 14.33
CA ILE A 550 10.91 -27.56 15.17
C ILE A 550 9.85 -28.50 15.67
N HIS A 551 9.32 -29.32 14.80
CA HIS A 551 8.33 -30.24 15.20
C HIS A 551 8.93 -31.32 16.11
N GLY A 552 10.11 -31.82 15.79
CA GLY A 552 10.66 -32.93 16.53
C GLY A 552 11.16 -32.49 17.90
N SER A 553 11.75 -31.29 18.01
CA SER A 553 12.44 -30.87 19.25
C SER A 553 11.76 -29.83 20.07
N VAL A 554 10.84 -29.04 19.51
CA VAL A 554 10.19 -27.95 20.27
C VAL A 554 8.76 -28.21 20.52
N ALA A 555 8.02 -28.66 19.49
CA ALA A 555 6.56 -28.81 19.59
C ALA A 555 6.08 -29.74 20.70
N GLY A 556 6.86 -30.73 21.10
CA GLY A 556 6.46 -31.50 22.33
C GLY A 556 6.18 -30.77 23.67
N ARG A 557 6.86 -29.67 23.91
CA ARG A 557 7.15 -29.22 25.26
C ARG A 557 6.02 -28.39 25.89
N ASP A 558 6.20 -28.03 27.16
CA ASP A 558 5.15 -27.43 27.99
C ASP A 558 4.99 -25.96 27.67
N GLY A 559 3.76 -25.52 27.54
CA GLY A 559 3.46 -24.14 27.18
C GLY A 559 3.80 -23.79 25.72
N VAL A 560 3.98 -24.81 24.84
CA VAL A 560 4.22 -24.62 23.38
C VAL A 560 2.97 -24.91 22.62
N VAL A 561 2.41 -23.91 21.92
CA VAL A 561 1.21 -24.05 21.09
C VAL A 561 1.70 -24.12 19.66
N THR A 562 1.40 -25.22 18.96
CA THR A 562 1.61 -25.34 17.53
C THR A 562 0.41 -24.81 16.80
N VAL A 563 0.58 -23.85 15.89
CA VAL A 563 -0.58 -23.37 15.08
C VAL A 563 -0.30 -23.55 13.57
N ASP A 564 -0.80 -24.65 13.00
CA ASP A 564 -0.47 -25.04 11.64
C ASP A 564 -1.65 -24.97 10.69
N GLN A 565 -1.39 -25.35 9.43
CA GLN A 565 -2.34 -25.21 8.33
C GLN A 565 -3.22 -26.36 8.07
N SER A 566 -3.20 -27.35 8.97
CA SER A 566 -3.90 -28.61 8.74
C SER A 566 -5.43 -28.52 8.89
N PRO A 567 -6.17 -29.45 8.21
CA PRO A 567 -7.62 -29.46 8.31
C PRO A 567 -8.17 -29.60 9.71
N ILE A 568 -9.37 -29.05 9.87
CA ILE A 568 -10.05 -29.01 11.14
C ILE A 568 -11.13 -30.09 11.10
N LYS A 569 -11.35 -30.70 12.26
CA LYS A 569 -12.24 -31.85 12.45
C LYS A 569 -13.72 -31.57 12.10
N GLY A 570 -14.31 -32.40 11.23
CA GLY A 570 -15.74 -32.24 10.91
C GLY A 570 -16.13 -30.93 10.26
N SER A 571 -15.22 -30.41 9.44
CA SER A 571 -15.42 -29.13 8.72
C SER A 571 -16.71 -29.03 7.87
N ARG A 572 -17.17 -30.20 7.38
CA ARG A 572 -18.41 -30.30 6.62
C ARG A 572 -19.60 -29.75 7.38
N ARG A 573 -19.63 -29.93 8.70
CA ARG A 573 -20.73 -29.42 9.53
C ARG A 573 -20.33 -28.22 10.37
N SER A 574 -19.26 -27.53 10.00
CA SER A 574 -18.81 -26.38 10.80
C SER A 574 -18.60 -25.10 9.97
N ASN A 575 -18.37 -24.04 10.71
CA ASN A 575 -18.23 -22.71 10.14
C ASN A 575 -17.54 -21.87 11.21
N PRO A 576 -17.15 -20.62 10.88
CA PRO A 576 -16.34 -19.96 11.90
C PRO A 576 -17.10 -19.71 13.20
N ALA A 577 -18.38 -19.39 13.05
CA ALA A 577 -19.23 -19.09 14.20
C ALA A 577 -19.27 -20.33 15.13
N THR A 578 -19.48 -21.52 14.55
CA THR A 578 -19.51 -22.77 15.34
C THR A 578 -18.13 -23.04 15.97
N TYR A 579 -17.04 -23.11 15.18
CA TYR A 579 -15.66 -23.44 15.67
C TYR A 579 -15.16 -22.57 16.84
N THR A 580 -15.54 -21.31 16.85
CA THR A 580 -15.06 -20.38 17.88
C THR A 580 -16.01 -20.31 19.11
N GLY A 581 -17.11 -21.07 19.12
CA GLY A 581 -18.07 -21.03 20.29
C GLY A 581 -19.14 -19.90 20.34
N MET A 582 -19.08 -18.94 19.41
CA MET A 582 -19.98 -17.77 19.44
C MET A 582 -21.40 -18.06 19.00
N LEU A 583 -21.65 -19.16 18.28
CA LEU A 583 -22.97 -19.41 17.70
C LEU A 583 -24.02 -19.66 18.82
N GLU A 584 -23.66 -20.37 19.90
CA GLU A 584 -24.66 -20.57 21.02
C GLU A 584 -25.13 -19.26 21.74
N PRO A 585 -24.18 -18.37 22.18
CA PRO A 585 -24.61 -17.02 22.66
C PRO A 585 -25.56 -16.32 21.68
N ILE A 586 -25.26 -16.39 20.37
CA ILE A 586 -26.15 -15.77 19.35
C ILE A 586 -27.58 -16.35 19.31
N ARG A 587 -27.68 -17.68 19.40
CA ARG A 587 -28.97 -18.36 19.42
C ARG A 587 -29.81 -17.97 20.66
N LYS A 588 -29.13 -17.78 21.80
CA LYS A 588 -29.75 -17.30 23.07
C LYS A 588 -30.25 -15.88 22.97
N THR A 589 -29.43 -15.02 22.37
CA THR A 589 -29.88 -13.70 22.00
C THR A 589 -31.17 -13.78 21.13
N PHE A 590 -31.14 -14.56 20.04
CA PHE A 590 -32.37 -14.74 19.18
C PHE A 590 -33.57 -15.31 19.97
N ALA A 591 -33.32 -16.33 20.82
CA ALA A 591 -34.34 -16.92 21.76
C ALA A 591 -35.02 -15.94 22.75
N LYS A 592 -34.25 -15.32 23.67
CA LYS A 592 -34.74 -14.25 24.59
C LYS A 592 -35.59 -13.20 23.86
N ALA A 593 -35.06 -12.61 22.78
CA ALA A 593 -35.71 -11.45 22.13
C ALA A 593 -37.01 -11.83 21.44
N ASN A 594 -37.23 -13.13 21.19
CA ASN A 594 -38.44 -13.63 20.52
C ASN A 594 -39.38 -14.56 21.38
N GLY A 595 -39.11 -14.71 22.69
CA GLY A 595 -39.86 -15.68 23.54
C GLY A 595 -39.97 -17.12 23.00
N VAL A 596 -38.91 -17.56 22.28
CA VAL A 596 -38.77 -18.97 21.87
C VAL A 596 -37.53 -19.46 22.62
N LYS A 597 -37.09 -20.70 22.33
CA LYS A 597 -35.87 -21.29 22.96
C LYS A 597 -34.67 -21.39 21.93
N PRO A 598 -33.39 -21.33 22.42
CA PRO A 598 -32.18 -21.36 21.52
C PRO A 598 -32.11 -22.53 20.47
N ALA A 599 -32.56 -23.73 20.85
CA ALA A 599 -32.53 -24.94 19.99
C ALA A 599 -33.32 -24.81 18.67
N LEU A 600 -34.36 -23.93 18.62
CA LEU A 600 -35.09 -23.60 17.35
C LEU A 600 -34.16 -23.14 16.22
N PHE A 601 -33.06 -22.47 16.63
CA PHE A 601 -32.04 -21.87 15.72
C PHE A 601 -30.75 -22.71 15.51
N SER A 602 -30.73 -23.96 16.01
CA SER A 602 -29.54 -24.86 15.96
C SER A 602 -29.68 -25.94 14.86
N PRO A 603 -28.57 -26.64 14.56
CA PRO A 603 -28.66 -27.77 13.60
C PRO A 603 -29.65 -28.92 14.03
N ASN A 604 -29.79 -29.24 15.32
CA ASN A 604 -30.76 -30.29 15.77
C ASN A 604 -32.25 -29.82 15.92
N SER A 605 -32.59 -28.61 15.45
CA SER A 605 -33.98 -28.12 15.38
C SER A 605 -34.81 -28.90 14.35
N GLU A 606 -36.08 -29.10 14.69
CA GLU A 606 -37.05 -29.64 13.72
C GLU A 606 -37.42 -28.57 12.65
N GLY A 607 -37.22 -27.28 12.93
CA GLY A 607 -37.30 -26.20 11.91
C GLY A 607 -36.08 -26.06 10.98
N ALA A 608 -34.98 -26.80 11.26
CA ALA A 608 -33.79 -26.81 10.38
C ALA A 608 -34.12 -27.56 9.09
N CYS A 609 -33.39 -27.24 8.05
CA CYS A 609 -33.62 -27.90 6.79
C CYS A 609 -33.34 -29.41 7.00
N PRO A 610 -34.26 -30.29 6.53
CA PRO A 610 -34.09 -31.72 6.82
C PRO A 610 -32.85 -32.36 6.19
N THR A 611 -32.41 -31.87 5.03
CA THR A 611 -31.25 -32.48 4.37
C THR A 611 -29.92 -31.75 4.63
N CYS A 612 -29.94 -30.48 5.06
CA CYS A 612 -28.70 -29.75 5.48
C CYS A 612 -28.63 -29.23 6.96
N LYS A 613 -29.15 -28.02 7.30
CA LYS A 613 -28.66 -27.09 8.43
C LYS A 613 -27.51 -26.06 8.02
N GLY A 614 -26.51 -26.54 7.27
CA GLY A 614 -25.37 -25.75 6.80
C GLY A 614 -25.57 -25.00 5.49
N ALA A 615 -26.66 -25.32 4.80
CA ALA A 615 -27.15 -24.66 3.57
C ALA A 615 -26.42 -25.07 2.26
N GLY A 616 -25.48 -26.00 2.40
CA GLY A 616 -24.98 -26.79 1.30
C GLY A 616 -25.00 -28.28 1.65
N VAL A 617 -24.91 -29.11 0.60
CA VAL A 617 -24.81 -30.60 0.71
C VAL A 617 -23.50 -31.11 0.05
N ILE A 618 -23.19 -32.39 0.31
CA ILE A 618 -22.01 -33.17 -0.24
C ILE A 618 -20.79 -32.33 -0.58
N VAL A 628 -17.32 -29.99 -4.50
CA VAL A 628 -17.71 -30.75 -3.32
C VAL A 628 -18.95 -30.04 -2.69
N ALA A 629 -18.77 -28.81 -2.19
CA ALA A 629 -19.85 -28.07 -1.49
C ALA A 629 -20.79 -27.39 -2.48
N THR A 630 -22.05 -27.84 -2.54
CA THR A 630 -23.10 -27.28 -3.43
C THR A 630 -24.30 -26.74 -2.59
N THR A 631 -25.00 -25.73 -3.12
CA THR A 631 -26.16 -25.13 -2.43
C THR A 631 -27.33 -26.09 -2.35
N CYS A 632 -27.92 -26.18 -1.17
CA CYS A 632 -28.99 -27.15 -0.90
C CYS A 632 -30.34 -26.77 -1.56
N GLU A 633 -30.93 -27.69 -2.32
CA GLU A 633 -32.19 -27.46 -3.04
C GLU A 633 -33.42 -27.34 -2.14
N ASP A 634 -33.51 -28.22 -1.15
CA ASP A 634 -34.67 -28.23 -0.26
C ASP A 634 -34.96 -26.83 0.33
N CYS A 635 -33.97 -26.26 1.02
CA CYS A 635 -34.09 -24.93 1.65
C CYS A 635 -33.60 -23.73 0.79
N GLY A 636 -32.96 -24.03 -0.36
CA GLY A 636 -32.47 -22.97 -1.26
C GLY A 636 -31.29 -22.18 -0.70
N GLY A 637 -30.47 -22.83 0.12
CA GLY A 637 -29.48 -22.13 0.90
C GLY A 637 -29.97 -21.44 2.16
N LYS A 638 -31.29 -21.40 2.43
CA LYS A 638 -31.85 -20.68 3.62
C LYS A 638 -31.50 -21.23 5.03
N ARG A 639 -31.21 -22.54 5.11
CA ARG A 639 -30.82 -23.26 6.35
C ARG A 639 -32.00 -23.76 7.23
N PHE A 640 -33.01 -22.89 7.40
CA PHE A 640 -34.21 -23.12 8.24
C PHE A 640 -35.51 -22.82 7.47
N GLN A 641 -36.62 -23.43 7.90
CA GLN A 641 -37.91 -23.12 7.23
C GLN A 641 -38.29 -21.65 7.48
N PRO A 642 -39.10 -21.03 6.58
CA PRO A 642 -39.48 -19.58 6.69
C PRO A 642 -40.15 -19.10 8.01
N SER A 643 -40.82 -20.01 8.74
CA SER A 643 -41.33 -19.67 10.09
C SER A 643 -40.21 -19.44 11.13
N VAL A 644 -39.09 -20.18 11.03
CA VAL A 644 -37.90 -19.88 11.88
C VAL A 644 -37.28 -18.46 11.61
N LEU A 645 -37.31 -18.07 10.34
CA LEU A 645 -36.79 -16.77 9.88
C LEU A 645 -37.79 -15.61 10.11
N GLN A 646 -38.98 -15.88 10.69
CA GLN A 646 -39.83 -14.82 11.28
C GLN A 646 -39.22 -14.15 12.53
N TYR A 647 -38.33 -14.86 13.22
CA TYR A 647 -37.72 -14.37 14.46
C TYR A 647 -36.47 -13.63 14.13
N ARG A 648 -36.43 -12.35 14.55
CA ARG A 648 -35.36 -11.38 14.25
C ARG A 648 -34.90 -10.64 15.49
N VAL A 649 -33.66 -10.17 15.41
CA VAL A 649 -33.05 -9.19 16.31
C VAL A 649 -32.27 -8.21 15.40
N GLY A 650 -32.15 -6.96 15.84
CA GLY A 650 -31.63 -5.86 15.01
C GLY A 650 -32.15 -5.84 13.58
N GLY A 651 -33.38 -6.31 13.34
CA GLY A 651 -33.98 -6.41 12.00
C GLY A 651 -33.44 -7.57 11.12
N ARG A 652 -32.70 -8.51 11.73
CA ARG A 652 -32.02 -9.60 10.98
C ARG A 652 -32.47 -10.98 11.48
N ASP A 653 -32.80 -11.90 10.56
CA ASP A 653 -33.03 -13.29 10.95
C ASP A 653 -31.67 -14.04 11.07
N ILE A 654 -31.72 -15.24 11.65
CA ILE A 654 -30.51 -16.04 11.86
C ILE A 654 -29.76 -16.39 10.53
N SER A 655 -30.52 -16.48 9.43
CA SER A 655 -30.00 -16.80 8.08
C SER A 655 -29.09 -15.70 7.58
N GLU A 656 -29.52 -14.47 7.86
CA GLU A 656 -28.78 -13.26 7.56
C GLU A 656 -27.55 -13.11 8.42
N VAL A 657 -27.61 -13.53 9.69
CA VAL A 657 -26.42 -13.49 10.57
C VAL A 657 -25.29 -14.43 10.06
N PHE A 658 -25.66 -15.63 9.67
CA PHE A 658 -24.71 -16.56 9.07
C PHE A 658 -24.06 -15.95 7.80
N ALA A 659 -24.84 -15.20 7.03
CA ALA A 659 -24.34 -14.55 5.84
C ALA A 659 -23.43 -13.34 6.07
N MET A 660 -23.37 -12.79 7.27
CA MET A 660 -22.56 -11.58 7.50
C MET A 660 -21.09 -11.82 7.57
N PRO A 661 -20.27 -10.88 7.00
CA PRO A 661 -18.85 -10.87 7.31
C PRO A 661 -18.61 -10.60 8.78
N VAL A 662 -17.51 -11.16 9.27
CA VAL A 662 -16.95 -10.88 10.58
C VAL A 662 -16.96 -9.38 10.86
N ALA A 663 -16.34 -8.56 10.00
CA ALA A 663 -16.29 -7.12 10.29
C ALA A 663 -17.69 -6.49 10.52
N GLU A 664 -18.72 -6.84 9.75
CA GLU A 664 -20.11 -6.40 10.03
C GLU A 664 -20.69 -7.08 11.31
N ALA A 665 -20.48 -8.41 11.50
CA ALA A 665 -20.95 -9.10 12.71
C ALA A 665 -20.45 -8.40 13.95
N ALA A 666 -19.18 -8.00 13.95
CA ALA A 666 -18.55 -7.40 15.14
C ALA A 666 -19.31 -6.20 15.68
N GLU A 667 -19.80 -5.33 14.80
CA GLU A 667 -20.62 -4.18 15.18
C GLU A 667 -22.04 -4.52 15.49
N PHE A 668 -22.71 -5.27 14.63
CA PHE A 668 -24.09 -5.74 14.86
C PHE A 668 -24.31 -6.42 16.22
N PHE A 669 -23.29 -7.13 16.69
CA PHE A 669 -23.30 -7.72 18.03
C PHE A 669 -22.70 -6.82 19.12
N ARG A 670 -22.24 -5.60 18.81
CA ARG A 670 -21.63 -4.73 19.83
C ARG A 670 -22.61 -3.82 20.64
N THR A 671 -23.63 -3.24 19.99
CA THR A 671 -24.59 -2.33 20.68
C THR A 671 -26.00 -2.57 20.18
N GLY A 672 -27.00 -2.42 21.05
CA GLY A 672 -28.43 -2.49 20.68
C GLY A 672 -29.12 -3.79 21.08
N GLU A 673 -30.30 -3.99 20.52
CA GLU A 673 -31.15 -5.14 20.90
C GLU A 673 -30.61 -6.54 20.49
N ALA A 674 -29.66 -6.59 19.56
CA ALA A 674 -28.92 -7.82 19.28
C ALA A 674 -27.54 -7.92 19.97
N ARG A 675 -27.08 -6.88 20.68
CA ARG A 675 -25.85 -6.94 21.50
C ARG A 675 -25.62 -8.29 22.18
N THR A 676 -24.45 -8.90 21.94
CA THR A 676 -24.04 -10.21 22.50
C THR A 676 -22.54 -10.15 22.75
N PRO A 677 -22.13 -9.65 23.93
CA PRO A 677 -20.72 -9.43 24.26
C PRO A 677 -19.75 -10.56 23.94
N ALA A 678 -20.16 -11.82 24.15
CA ALA A 678 -19.24 -12.98 24.00
C ALA A 678 -18.83 -13.22 22.50
N ALA A 679 -19.80 -12.99 21.62
CA ALA A 679 -19.61 -12.96 20.16
C ALA A 679 -18.61 -11.84 19.74
N CYS A 680 -18.75 -10.64 20.30
CA CYS A 680 -17.85 -9.51 19.99
C CYS A 680 -16.43 -9.79 20.30
N THR A 681 -16.20 -10.49 21.40
CA THR A 681 -14.84 -10.80 21.82
C THR A 681 -14.14 -11.69 20.76
N VAL A 682 -14.86 -12.72 20.31
CA VAL A 682 -14.34 -13.64 19.29
C VAL A 682 -14.23 -12.89 17.97
N LEU A 683 -15.30 -12.20 17.57
CA LEU A 683 -15.31 -11.46 16.33
C LEU A 683 -14.11 -10.52 16.17
N ASP A 684 -13.74 -9.79 17.22
CA ASP A 684 -12.58 -8.88 17.19
C ASP A 684 -11.26 -9.60 17.00
N ARG A 685 -11.16 -10.79 17.56
CA ARG A 685 -9.94 -11.61 17.42
C ARG A 685 -9.72 -12.07 15.97
N LEU A 686 -10.82 -12.44 15.33
CA LEU A 686 -10.86 -12.85 13.95
C LEU A 686 -10.46 -11.68 13.03
N ALA A 687 -10.94 -10.48 13.34
CA ALA A 687 -10.55 -9.26 12.63
C ALA A 687 -9.06 -9.05 12.72
N GLU A 688 -8.54 -9.22 13.90
CA GLU A 688 -7.12 -8.95 14.11
C GLU A 688 -6.07 -9.91 13.43
N VAL A 689 -6.46 -11.15 13.20
CA VAL A 689 -5.60 -12.11 12.43
C VAL A 689 -5.86 -12.04 10.90
N GLY A 690 -6.61 -11.03 10.45
CA GLY A 690 -6.84 -10.74 9.04
C GLY A 690 -8.08 -11.42 8.47
N LEU A 691 -8.98 -11.92 9.34
CA LEU A 691 -10.14 -12.62 8.86
C LEU A 691 -11.44 -11.84 8.93
N GLY A 692 -11.35 -10.51 8.85
CA GLY A 692 -12.57 -9.71 8.79
C GLY A 692 -13.51 -9.96 7.67
N TYR A 693 -13.02 -10.55 6.56
CA TYR A 693 -13.90 -10.83 5.42
C TYR A 693 -14.66 -12.15 5.48
N LEU A 694 -14.33 -13.05 6.39
CA LEU A 694 -15.01 -14.34 6.43
C LEU A 694 -16.44 -14.22 6.87
N SER A 695 -17.39 -14.93 6.25
CA SER A 695 -18.75 -14.95 6.82
C SER A 695 -18.86 -15.97 7.98
N LEU A 696 -19.82 -15.71 8.87
CA LEU A 696 -20.01 -16.53 10.09
C LEU A 696 -20.44 -17.97 9.75
N GLY A 697 -21.18 -18.13 8.67
CA GLY A 697 -21.70 -19.42 8.25
C GLY A 697 -20.89 -20.08 7.14
N GLN A 698 -19.68 -19.54 6.91
CA GLN A 698 -18.91 -19.96 5.78
C GLN A 698 -18.46 -21.36 6.09
N PRO A 699 -18.81 -22.34 5.26
CA PRO A 699 -18.31 -23.69 5.61
C PRO A 699 -16.76 -23.75 5.74
N LEU A 700 -16.28 -24.43 6.78
CA LEU A 700 -14.85 -24.51 7.03
C LEU A 700 -14.03 -25.26 6.00
N THR A 701 -14.69 -26.08 5.20
CA THR A 701 -14.07 -26.74 4.08
C THR A 701 -13.69 -25.74 2.99
N THR A 702 -14.27 -24.55 2.97
CA THR A 702 -13.87 -23.56 2.00
C THR A 702 -12.68 -22.74 2.43
N LEU A 703 -12.23 -22.84 3.67
CA LEU A 703 -11.07 -22.07 4.05
C LEU A 703 -9.78 -22.66 3.43
N SER A 704 -8.89 -21.79 3.02
CA SER A 704 -7.56 -22.18 2.68
C SER A 704 -6.79 -22.57 3.91
N GLY A 705 -5.68 -23.26 3.65
CA GLY A 705 -4.66 -23.52 4.67
C GLY A 705 -4.28 -22.35 5.56
N GLY A 706 -3.90 -21.20 4.96
CA GLY A 706 -3.57 -19.98 5.70
C GLY A 706 -4.71 -19.50 6.61
N GLU A 707 -5.92 -19.54 6.06
CA GLU A 707 -7.11 -19.09 6.77
C GLU A 707 -7.43 -19.99 7.97
N ARG A 708 -7.21 -21.30 7.82
CA ARG A 708 -7.35 -22.25 8.93
C ARG A 708 -6.34 -21.97 10.01
N GLN A 709 -5.10 -21.72 9.61
CA GLN A 709 -4.09 -21.42 10.56
C GLN A 709 -4.44 -20.16 11.33
N ARG A 710 -4.76 -19.10 10.62
CA ARG A 710 -5.11 -17.82 11.26
C ARG A 710 -6.40 -17.96 12.15
N LEU A 711 -7.34 -18.77 11.70
CA LEU A 711 -8.53 -19.09 12.51
C LEU A 711 -8.15 -19.76 13.84
N LYS A 712 -7.24 -20.71 13.78
CA LYS A 712 -6.80 -21.42 14.96
C LYS A 712 -6.02 -20.48 15.85
N LEU A 713 -5.26 -19.55 15.25
CA LEU A 713 -4.51 -18.59 16.03
C LEU A 713 -5.42 -17.65 16.83
N ALA A 714 -6.48 -17.17 16.21
CA ALA A 714 -7.46 -16.37 16.94
C ALA A 714 -7.97 -17.14 18.16
N GLY A 715 -8.32 -18.42 17.98
CA GLY A 715 -8.78 -19.28 19.08
C GLY A 715 -7.80 -19.44 20.23
N HIS A 716 -6.49 -19.46 19.94
CA HIS A 716 -5.45 -19.63 20.97
C HIS A 716 -5.01 -18.37 21.65
N MET A 717 -5.38 -17.21 21.14
CA MET A 717 -4.73 -15.95 21.57
C MET A 717 -5.15 -15.55 22.98
N GLY A 718 -6.41 -15.79 23.32
CA GLY A 718 -6.83 -15.72 24.73
C GLY A 718 -6.03 -16.59 25.72
N GLY A 719 -5.76 -17.83 25.31
CA GLY A 719 -5.28 -18.87 26.21
C GLY A 719 -3.89 -18.79 26.80
N ALA A 720 -3.41 -19.96 27.24
CA ALA A 720 -2.38 -20.10 28.27
C ALA A 720 -0.93 -20.17 27.79
N GLY A 721 -0.70 -20.48 26.52
CA GLY A 721 0.66 -20.72 26.06
C GLY A 721 1.59 -19.50 26.14
N SER A 722 2.87 -19.76 26.30
CA SER A 722 3.88 -18.71 26.20
C SER A 722 4.82 -18.82 24.95
N VAL A 723 4.86 -19.97 24.28
CA VAL A 723 5.60 -20.14 23.03
C VAL A 723 4.67 -20.58 21.91
N TYR A 724 4.71 -19.84 20.81
CA TYR A 724 3.87 -20.11 19.61
C TYR A 724 4.70 -20.51 18.40
N ILE A 725 4.35 -21.62 17.78
CA ILE A 725 5.02 -22.07 16.59
C ILE A 725 4.08 -21.89 15.40
N LEU A 726 4.53 -21.09 14.43
CA LEU A 726 3.76 -20.81 13.19
C LEU A 726 4.55 -21.24 11.97
N ASP A 727 4.03 -22.21 11.26
CA ASP A 727 4.63 -22.73 10.06
C ASP A 727 4.08 -21.93 8.85
N GLU A 728 4.98 -21.23 8.18
CA GLU A 728 4.64 -20.40 6.99
C GLU A 728 3.36 -19.56 7.08
N PRO A 729 3.28 -18.67 8.07
CA PRO A 729 2.01 -17.97 8.27
C PRO A 729 1.73 -16.90 7.19
N THR A 730 2.70 -16.64 6.29
CA THR A 730 2.45 -15.75 5.15
C THR A 730 1.71 -16.41 4.03
N SER A 731 1.45 -17.73 4.11
CA SER A 731 0.76 -18.43 3.05
C SER A 731 -0.64 -17.86 2.76
N GLY A 732 -0.87 -17.49 1.49
CA GLY A 732 -2.17 -16.84 1.15
C GLY A 732 -2.22 -15.32 1.43
N LEU A 733 -1.15 -14.72 1.93
CA LEU A 733 -1.09 -13.27 2.21
C LEU A 733 -0.39 -12.42 1.22
N HIS A 734 -1.12 -11.41 0.78
CA HIS A 734 -0.59 -10.31 0.01
C HIS A 734 0.42 -9.51 0.81
N LEU A 735 1.30 -8.81 0.15
CA LEU A 735 2.28 -8.00 0.84
C LEU A 735 1.59 -6.95 1.79
N ALA A 736 0.47 -6.40 1.37
CA ALA A 736 -0.38 -5.57 2.30
C ALA A 736 -0.88 -6.35 3.54
N ASP A 737 -1.24 -7.63 3.42
CA ASP A 737 -1.76 -8.39 4.56
C ASP A 737 -0.54 -8.80 5.44
N VAL A 738 0.65 -8.97 4.87
CA VAL A 738 1.83 -9.42 5.61
C VAL A 738 2.26 -8.29 6.57
N GLU A 739 2.19 -7.05 6.14
CA GLU A 739 2.41 -5.87 7.08
C GLU A 739 1.54 -5.97 8.35
N GLN A 740 0.27 -6.37 8.22
CA GLN A 740 -0.67 -6.52 9.34
C GLN A 740 -0.39 -7.78 10.16
N LEU A 741 -0.04 -8.90 9.51
CA LEU A 741 0.54 -10.04 10.24
C LEU A 741 1.72 -9.61 11.11
N LEU A 742 2.71 -8.87 10.58
CA LEU A 742 3.84 -8.52 11.36
C LEU A 742 3.54 -7.60 12.57
N ARG A 743 2.48 -6.82 12.47
CA ARG A 743 2.09 -5.97 13.63
C ARG A 743 1.56 -6.91 14.63
N LEU A 744 0.75 -7.88 14.21
CA LEU A 744 0.18 -8.86 15.13
C LEU A 744 1.26 -9.66 15.85
N LEU A 745 2.21 -10.18 15.10
CA LEU A 745 3.31 -10.91 15.71
C LEU A 745 4.09 -10.02 16.71
N ASP A 746 4.31 -8.75 16.34
CA ASP A 746 5.02 -7.82 17.24
C ASP A 746 4.23 -7.60 18.55
N ARG A 747 2.91 -7.50 18.47
CA ARG A 747 2.06 -7.40 19.69
C ARG A 747 2.12 -8.68 20.46
N LEU A 748 2.14 -9.82 19.78
CA LEU A 748 2.26 -11.10 20.49
C LEU A 748 3.53 -11.20 21.28
N VAL A 749 4.67 -10.88 20.64
CA VAL A 749 5.96 -10.94 21.32
C VAL A 749 6.01 -9.86 22.43
N ASP A 750 5.56 -8.63 22.14
CA ASP A 750 5.64 -7.52 23.11
C ASP A 750 4.81 -7.73 24.38
N SER A 751 3.75 -8.54 24.33
CA SER A 751 3.01 -8.99 25.48
C SER A 751 3.68 -10.15 26.27
N GLY A 752 4.94 -10.44 26.01
CA GLY A 752 5.68 -11.47 26.74
C GLY A 752 5.75 -12.88 26.15
N LYS A 753 5.27 -13.11 24.94
CA LYS A 753 5.28 -14.46 24.34
C LYS A 753 6.49 -14.70 23.42
N THR A 754 6.87 -15.96 23.25
CA THR A 754 7.91 -16.33 22.30
C THR A 754 7.18 -16.72 20.99
N VAL A 755 7.67 -16.20 19.85
CA VAL A 755 7.09 -16.57 18.56
C VAL A 755 8.23 -17.13 17.71
N ILE A 756 8.02 -18.39 17.28
CA ILE A 756 8.92 -19.08 16.35
C ILE A 756 8.19 -19.29 15.04
N VAL A 757 8.78 -18.81 13.96
CA VAL A 757 8.13 -18.80 12.67
C VAL A 757 9.08 -19.51 11.69
N VAL A 758 8.54 -20.47 10.95
CA VAL A 758 9.28 -21.09 9.88
C VAL A 758 8.90 -20.32 8.61
N GLU A 759 9.85 -19.69 7.91
CA GLU A 759 9.50 -18.90 6.75
C GLU A 759 10.51 -18.87 5.63
N HIS A 760 9.94 -18.72 4.44
CA HIS A 760 10.70 -18.35 3.22
C HIS A 760 10.43 -16.89 2.84
N HIS A 761 9.49 -16.22 3.50
CA HIS A 761 9.11 -14.82 3.10
C HIS A 761 10.13 -13.84 3.68
N GLN A 762 10.88 -13.16 2.80
CA GLN A 762 12.00 -12.35 3.25
C GLN A 762 11.55 -11.08 4.10
N ALA A 763 10.35 -10.58 3.91
CA ALA A 763 9.86 -9.47 4.81
C ALA A 763 9.81 -9.97 6.24
N VAL A 764 9.41 -11.23 6.45
CA VAL A 764 9.35 -11.77 7.79
C VAL A 764 10.76 -12.01 8.32
N MET A 765 11.70 -12.48 7.48
CA MET A 765 13.03 -12.68 7.93
C MET A 765 13.67 -11.33 8.37
N ALA A 766 13.45 -10.29 7.58
CA ALA A 766 14.04 -8.95 7.88
C ALA A 766 13.55 -8.30 9.21
N HIS A 767 12.34 -8.67 9.61
CA HIS A 767 11.69 -8.21 10.78
C HIS A 767 11.99 -9.02 12.02
N ALA A 768 12.82 -10.09 11.91
CA ALA A 768 13.00 -10.98 13.03
C ALA A 768 14.01 -10.42 14.08
N ASP A 769 13.92 -10.96 15.29
CA ASP A 769 15.02 -10.78 16.28
C ASP A 769 16.15 -11.71 16.13
N TRP A 770 15.89 -12.87 15.52
CA TRP A 770 16.85 -13.93 15.49
C TRP A 770 16.51 -14.90 14.33
N ILE A 771 17.55 -15.36 13.67
CA ILE A 771 17.42 -16.30 12.58
C ILE A 771 18.28 -17.53 12.84
N ILE A 772 17.63 -18.69 12.68
CA ILE A 772 18.26 -20.04 12.61
C ILE A 772 18.09 -20.59 11.19
N ASP A 773 19.19 -20.72 10.47
CA ASP A 773 19.21 -21.06 9.06
C ASP A 773 19.68 -22.54 8.97
N LEU A 774 18.88 -23.39 8.33
CA LEU A 774 19.24 -24.84 8.09
C LEU A 774 19.77 -25.00 6.69
N GLY A 775 20.69 -25.94 6.51
CA GLY A 775 21.35 -26.09 5.29
C GLY A 775 22.59 -26.98 5.44
N PRO A 776 23.53 -26.87 4.53
CA PRO A 776 23.51 -25.91 3.44
C PRO A 776 22.39 -26.14 2.41
N GLY A 777 22.04 -27.42 2.18
CA GLY A 777 21.07 -27.80 1.16
C GLY A 777 19.90 -28.57 1.75
N ALA A 778 19.39 -29.51 0.92
CA ALA A 778 18.21 -30.33 1.23
C ALA A 778 18.68 -31.76 1.48
N GLY A 779 17.93 -32.48 2.27
CA GLY A 779 18.18 -33.89 2.45
C GLY A 779 19.50 -34.15 3.13
N HIS A 780 20.28 -35.07 2.58
CA HIS A 780 21.53 -35.42 3.24
C HIS A 780 22.53 -34.30 3.08
N ASP A 781 22.35 -33.34 2.13
CA ASP A 781 23.12 -32.09 2.06
C ASP A 781 22.57 -30.97 2.95
N GLY A 782 21.61 -31.25 3.79
CA GLY A 782 21.07 -30.30 4.70
C GLY A 782 21.22 -30.85 6.06
N GLY A 783 20.27 -30.52 6.91
CA GLY A 783 20.21 -30.97 8.27
C GLY A 783 21.20 -30.39 9.32
N ARG A 784 21.96 -29.36 8.94
N ARG A 784 21.89 -29.33 8.99
CA ARG A 784 22.94 -28.63 9.78
CA ARG A 784 22.79 -28.65 9.93
C ARG A 784 22.38 -27.20 10.04
C ARG A 784 22.37 -27.19 10.06
N VAL A 785 22.61 -26.66 11.23
CA VAL A 785 22.41 -25.22 11.47
C VAL A 785 23.60 -24.57 10.80
N VAL A 786 23.37 -23.85 9.69
CA VAL A 786 24.49 -23.21 9.03
C VAL A 786 24.58 -21.71 9.42
N PHE A 787 23.60 -21.18 10.11
CA PHE A 787 23.76 -19.82 10.65
C PHE A 787 22.87 -19.65 11.82
N GLU A 788 23.34 -18.92 12.83
CA GLU A 788 22.43 -18.49 13.92
C GLU A 788 22.83 -17.09 14.36
N GLY A 789 21.89 -16.16 14.47
CA GLY A 789 22.24 -14.73 14.63
C GLY A 789 21.17 -13.81 14.22
N THR A 790 21.41 -12.52 14.41
CA THR A 790 20.42 -11.51 14.05
C THR A 790 20.34 -11.46 12.49
N PRO A 791 19.21 -11.03 11.92
CA PRO A 791 19.16 -10.75 10.48
C PRO A 791 20.28 -9.86 9.95
N ALA A 792 20.62 -8.82 10.71
CA ALA A 792 21.78 -8.02 10.38
C ALA A 792 23.10 -8.79 10.23
N ASP A 793 23.40 -9.65 11.17
CA ASP A 793 24.61 -10.44 11.10
C ASP A 793 24.54 -11.50 9.95
N LEU A 794 23.35 -12.07 9.70
CA LEU A 794 23.14 -12.93 8.50
C LEU A 794 23.51 -12.19 7.21
N VAL A 795 22.97 -10.97 7.10
CA VAL A 795 23.19 -10.16 5.93
C VAL A 795 24.64 -9.72 5.79
N ALA A 796 25.28 -9.27 6.87
CA ALA A 796 26.72 -8.91 6.86
C ALA A 796 27.62 -10.12 6.48
N ALA A 797 27.31 -11.30 6.96
CA ALA A 797 28.15 -12.51 6.62
C ALA A 797 27.89 -12.94 5.15
N ARG A 798 26.63 -12.93 4.73
CA ARG A 798 26.30 -13.22 3.37
C ARG A 798 26.93 -14.58 2.92
N SER A 799 26.87 -15.53 3.80
CA SER A 799 27.65 -16.75 3.75
C SER A 799 26.78 -18.02 3.58
N THR A 800 25.45 -17.90 3.63
CA THR A 800 24.57 -19.04 3.29
C THR A 800 23.65 -18.64 2.14
N LEU A 801 22.87 -19.61 1.62
CA LEU A 801 21.90 -19.24 0.58
C LEU A 801 20.89 -18.21 1.11
N THR A 802 20.37 -18.42 2.31
CA THR A 802 19.43 -17.47 2.86
C THR A 802 20.03 -16.08 3.04
N GLY A 803 21.29 -16.00 3.47
CA GLY A 803 21.91 -14.72 3.71
C GLY A 803 22.20 -13.97 2.44
N GLU A 804 22.68 -14.69 1.45
CA GLU A 804 22.95 -14.11 0.14
C GLU A 804 21.65 -13.52 -0.42
N HIS A 805 20.56 -14.26 -0.36
CA HIS A 805 19.28 -13.75 -0.85
C HIS A 805 18.72 -12.59 0.02
N LEU A 806 18.83 -12.66 1.36
CA LEU A 806 18.34 -11.60 2.22
C LEU A 806 19.18 -10.32 1.99
N ALA A 807 20.46 -10.50 1.75
CA ALA A 807 21.32 -9.36 1.46
C ALA A 807 20.86 -8.69 0.19
N GLN A 808 20.49 -9.44 -0.83
CA GLN A 808 20.08 -8.80 -2.05
C GLN A 808 18.71 -8.16 -1.80
N TYR A 809 17.84 -8.82 -1.01
CA TYR A 809 16.48 -8.36 -0.77
C TYR A 809 16.49 -6.94 -0.08
N VAL A 810 17.31 -6.74 0.92
CA VAL A 810 17.40 -5.45 1.63
C VAL A 810 18.39 -4.43 1.01
N GLY A 811 18.96 -4.73 -0.17
CA GLY A 811 19.72 -3.78 -0.95
C GLY A 811 21.17 -3.69 -0.46
N ALA A 812 21.64 -4.74 0.23
CA ALA A 812 23.01 -4.80 0.77
C ALA A 812 24.03 -5.29 -0.30
N CYS B 35 -37.95 24.45 15.67
CA CYS B 35 -38.03 25.76 14.92
C CYS B 35 -37.18 25.68 13.62
N ALA B 36 -37.88 25.77 12.49
CA ALA B 36 -37.31 25.68 11.16
C ALA B 36 -36.09 26.55 11.00
N ALA B 37 -36.12 27.81 11.49
CA ALA B 37 -34.99 28.67 11.25
C ALA B 37 -33.70 28.18 11.88
N ASP B 38 -33.79 27.41 12.96
CA ASP B 38 -32.65 26.89 13.65
C ASP B 38 -32.35 25.43 13.24
N SER B 39 -33.00 24.91 12.22
CA SER B 39 -32.88 23.48 11.89
C SER B 39 -31.75 23.17 10.87
N HIS B 40 -31.07 24.19 10.32
CA HIS B 40 -30.15 24.00 9.21
C HIS B 40 -28.71 23.97 9.72
N ASP B 41 -28.42 22.92 10.51
CA ASP B 41 -27.14 22.73 11.19
C ASP B 41 -26.11 21.79 10.48
N MET B 42 -26.42 21.34 9.26
CA MET B 42 -25.54 20.41 8.51
C MET B 42 -25.31 21.00 7.15
N ILE B 43 -24.10 20.89 6.64
CA ILE B 43 -23.90 21.10 5.24
C ILE B 43 -24.14 19.72 4.57
N ARG B 44 -25.14 19.62 3.67
CA ARG B 44 -25.54 18.34 3.06
C ARG B 44 -25.23 18.31 1.61
N VAL B 45 -24.43 17.32 1.20
CA VAL B 45 -24.02 17.18 -0.19
C VAL B 45 -24.63 15.85 -0.72
N HIS B 46 -25.18 15.89 -1.91
CA HIS B 46 -25.76 14.73 -2.59
C HIS B 46 -25.41 14.81 -4.01
N GLY B 47 -24.93 13.69 -4.57
CA GLY B 47 -24.69 13.65 -6.00
C GLY B 47 -23.56 14.43 -6.51
N ALA B 48 -22.50 14.48 -5.72
CA ALA B 48 -21.30 15.12 -6.11
C ALA B 48 -20.44 14.28 -7.07
N ARG B 49 -20.08 14.88 -8.20
CA ARG B 49 -19.39 14.20 -9.29
C ARG B 49 -18.26 14.96 -9.83
N GLU B 50 -17.79 16.06 -9.19
CA GLU B 50 -16.69 16.81 -9.80
C GLU B 50 -15.42 15.88 -9.91
N ASN B 51 -14.70 16.01 -11.00
CA ASN B 51 -13.53 15.17 -11.35
C ASN B 51 -13.80 13.70 -11.15
N ASN B 52 -13.20 13.04 -10.16
CA ASN B 52 -13.33 11.58 -9.98
C ASN B 52 -14.33 11.21 -9.02
N LEU B 53 -15.01 12.20 -8.42
CA LEU B 53 -15.97 11.87 -7.36
C LEU B 53 -17.14 11.00 -7.88
N LYS B 54 -17.52 9.97 -7.13
CA LYS B 54 -18.45 8.90 -7.61
C LYS B 54 -19.81 9.13 -6.99
N ASN B 55 -20.40 10.25 -7.39
CA ASN B 55 -21.73 10.59 -6.94
C ASN B 55 -21.79 10.54 -5.45
N VAL B 56 -20.86 11.21 -4.77
CA VAL B 56 -20.82 11.05 -3.31
C VAL B 56 -21.80 11.97 -2.51
N GLN B 57 -22.02 11.57 -1.28
CA GLN B 57 -22.81 12.28 -0.31
C GLN B 57 -22.13 12.31 1.01
N VAL B 58 -22.17 13.48 1.69
CA VAL B 58 -21.67 13.66 3.03
C VAL B 58 -22.60 14.60 3.82
N GLU B 59 -22.49 14.58 5.13
CA GLU B 59 -23.19 15.44 6.03
C GLU B 59 -22.19 16.05 6.97
N ILE B 60 -21.84 17.32 6.73
CA ILE B 60 -20.82 18.03 7.51
C ILE B 60 -21.52 18.92 8.60
N PRO B 61 -21.21 18.72 9.91
CA PRO B 61 -21.73 19.51 10.97
C PRO B 61 -21.19 20.92 10.98
N LYS B 62 -22.09 21.88 11.00
CA LYS B 62 -21.73 23.30 10.97
C LYS B 62 -21.19 23.65 12.32
N ARG B 63 -20.32 24.65 12.35
CA ARG B 63 -19.69 25.12 13.54
C ARG B 63 -18.83 24.05 14.27
N ARG B 64 -18.22 23.15 13.46
CA ARG B 64 -17.37 22.06 14.00
C ARG B 64 -16.18 21.92 13.04
N LEU B 65 -15.19 21.18 13.47
CA LEU B 65 -14.01 21.00 12.63
C LEU B 65 -14.15 19.61 11.98
N THR B 66 -14.22 19.59 10.63
CA THR B 66 -14.19 18.39 9.84
C THR B 66 -12.90 18.26 9.09
N VAL B 67 -12.24 17.11 9.25
CA VAL B 67 -11.03 16.83 8.51
C VAL B 67 -11.33 15.83 7.37
N PHE B 68 -10.79 16.10 6.18
CA PHE B 68 -10.93 15.34 4.98
C PHE B 68 -9.56 14.68 4.74
N THR B 69 -9.60 13.37 4.74
CA THR B 69 -8.41 12.52 4.69
C THR B 69 -8.51 11.61 3.43
N GLY B 70 -7.40 10.95 3.10
CA GLY B 70 -7.35 10.06 1.95
C GLY B 70 -6.10 10.28 1.16
N VAL B 71 -5.72 9.27 0.33
CA VAL B 71 -4.44 9.33 -0.36
C VAL B 71 -4.44 10.49 -1.30
N SER B 72 -3.28 10.93 -1.74
CA SER B 72 -3.33 11.98 -2.70
C SER B 72 -4.05 11.56 -4.00
N GLY B 73 -4.80 12.49 -4.62
CA GLY B 73 -5.67 12.14 -5.75
C GLY B 73 -6.92 11.37 -5.46
N SER B 74 -7.25 11.10 -4.19
CA SER B 74 -8.46 10.46 -3.84
C SER B 74 -9.73 11.26 -4.00
N GLY B 75 -9.63 12.60 -4.12
CA GLY B 75 -10.84 13.42 -4.26
C GLY B 75 -11.08 14.57 -3.23
N LYS B 76 -10.19 14.75 -2.30
CA LYS B 76 -10.39 15.59 -1.10
C LYS B 76 -10.64 17.08 -1.52
N SER B 77 -9.79 17.57 -2.36
CA SER B 77 -9.96 18.93 -2.86
C SER B 77 -11.09 19.08 -3.88
N SER B 78 -11.36 18.02 -4.67
CA SER B 78 -12.58 17.96 -5.48
C SER B 78 -13.86 18.18 -4.66
N LEU B 79 -13.90 17.54 -3.50
CA LEU B 79 -15.03 17.68 -2.67
C LEU B 79 -15.01 19.06 -1.89
N VAL B 80 -13.92 19.39 -1.24
CA VAL B 80 -13.88 20.56 -0.33
C VAL B 80 -13.78 21.84 -1.12
N PHE B 81 -12.84 21.93 -2.06
CA PHE B 81 -12.59 23.14 -2.82
C PHE B 81 -13.43 23.25 -4.08
N ASP B 82 -13.57 22.19 -4.88
CA ASP B 82 -14.19 22.38 -6.23
C ASP B 82 -15.67 22.16 -6.16
N THR B 83 -16.17 21.63 -5.05
CA THR B 83 -17.58 21.48 -4.82
C THR B 83 -18.16 22.41 -3.69
N ILE B 84 -17.85 22.18 -2.45
CA ILE B 84 -18.42 22.93 -1.33
C ILE B 84 -18.02 24.41 -1.42
N ALA B 85 -16.74 24.72 -1.50
CA ALA B 85 -16.36 26.11 -1.48
C ALA B 85 -16.73 26.78 -2.78
N ALA B 86 -16.60 26.08 -3.92
CA ALA B 86 -16.84 26.69 -5.20
C ALA B 86 -18.31 27.07 -5.34
N GLU B 87 -19.20 26.24 -4.84
CA GLU B 87 -20.60 26.51 -4.91
C GLU B 87 -21.00 27.66 -3.96
N SER B 88 -20.52 27.67 -2.71
CA SER B 88 -20.67 28.89 -1.83
C SER B 88 -20.23 30.18 -2.53
N GLN B 89 -19.07 30.14 -3.13
CA GLN B 89 -18.54 31.28 -3.83
C GLN B 89 -19.41 31.68 -5.03
N ARG B 90 -19.87 30.72 -5.81
CA ARG B 90 -20.75 31.07 -6.92
C ARG B 90 -22.11 31.73 -6.41
N LEU B 91 -22.68 31.24 -5.32
CA LEU B 91 -23.96 31.68 -4.82
C LEU B 91 -23.81 33.13 -4.31
N ILE B 92 -22.66 33.43 -3.67
CA ILE B 92 -22.27 34.77 -3.29
C ILE B 92 -22.09 35.64 -4.49
N ASN B 93 -21.26 35.22 -5.44
CA ASN B 93 -21.01 35.99 -6.67
C ASN B 93 -22.30 36.43 -7.44
N GLU B 94 -23.28 35.53 -7.48
CA GLU B 94 -24.53 35.72 -8.23
C GLU B 94 -25.37 36.81 -7.60
N THR B 95 -25.11 37.21 -6.35
CA THR B 95 -25.86 38.32 -5.70
C THR B 95 -25.27 39.69 -5.96
N TYR B 96 -24.06 39.73 -6.52
CA TYR B 96 -23.35 41.01 -6.71
C TYR B 96 -23.75 41.67 -8.06
N SER B 97 -23.82 42.99 -8.05
CA SER B 97 -24.23 43.80 -9.21
C SER B 97 -23.17 43.78 -10.34
N ALA B 98 -21.94 44.17 -9.95
CA ALA B 98 -20.70 44.16 -10.76
C ALA B 98 -20.80 44.95 -12.07
N ARG B 109 -20.06 26.67 -11.76
CA ARG B 109 -21.07 25.78 -11.16
C ARG B 109 -20.63 24.34 -11.16
N PRO B 110 -20.28 23.82 -9.99
CA PRO B 110 -19.81 22.45 -9.94
C PRO B 110 -20.87 21.41 -10.20
N GLU B 111 -20.41 20.23 -10.65
CA GLU B 111 -21.29 19.10 -10.80
C GLU B 111 -21.67 18.43 -9.48
N VAL B 112 -22.85 18.78 -9.04
CA VAL B 112 -23.40 18.24 -7.85
C VAL B 112 -24.91 18.46 -7.88
N ASP B 113 -25.67 17.50 -7.38
CA ASP B 113 -27.12 17.60 -7.42
C ASP B 113 -27.74 18.48 -6.33
N VAL B 114 -27.40 18.21 -5.10
CA VAL B 114 -27.94 18.95 -3.96
C VAL B 114 -26.77 19.39 -3.08
N LEU B 115 -26.79 20.67 -2.74
CA LEU B 115 -25.90 21.24 -1.76
C LEU B 115 -26.71 22.17 -0.87
N ASP B 116 -27.05 21.67 0.30
CA ASP B 116 -27.99 22.26 1.27
C ASP B 116 -27.23 22.73 2.47
N GLY B 117 -27.61 23.87 3.02
CA GLY B 117 -27.00 24.38 4.23
C GLY B 117 -25.64 24.99 4.12
N LEU B 118 -25.22 25.36 2.92
CA LEU B 118 -23.98 26.03 2.67
C LEU B 118 -23.93 27.42 3.35
N THR B 119 -22.73 27.92 3.71
CA THR B 119 -22.56 29.29 4.22
C THR B 119 -21.52 29.89 3.33
N THR B 120 -21.19 31.15 3.54
CA THR B 120 -20.01 31.76 2.89
C THR B 120 -18.76 30.96 3.18
N ALA B 121 -17.92 30.75 2.18
CA ALA B 121 -16.70 29.97 2.27
C ALA B 121 -15.57 30.94 2.13
N ILE B 122 -14.62 30.92 3.06
CA ILE B 122 -13.42 31.66 2.83
C ILE B 122 -12.29 30.70 2.76
N LEU B 123 -11.50 30.84 1.72
CA LEU B 123 -10.45 29.86 1.42
C LEU B 123 -9.23 30.32 2.13
N VAL B 124 -8.68 29.51 3.03
CA VAL B 124 -7.40 29.82 3.62
C VAL B 124 -6.33 28.85 3.05
N ASP B 125 -5.93 29.14 1.87
CA ASP B 125 -5.07 28.23 1.13
C ASP B 125 -3.65 28.70 1.10
N GLN B 126 -2.85 27.93 0.39
CA GLN B 126 -1.43 28.16 0.25
C GLN B 126 -1.05 28.98 -0.94
N GLN B 127 -2.01 29.64 -1.58
CA GLN B 127 -1.67 30.61 -2.62
C GLN B 127 -1.21 31.95 -2.05
N PRO B 128 -0.35 32.66 -2.79
CA PRO B 128 0.14 33.97 -2.30
C PRO B 128 -0.96 35.04 -2.24
N MET B 129 -0.85 36.04 -1.38
CA MET B 129 -2.01 36.92 -1.08
C MET B 129 -2.17 38.06 -2.11
N GLY B 130 -1.01 38.61 -2.45
CA GLY B 130 -0.86 39.44 -3.65
C GLY B 130 0.49 38.99 -4.15
N THR B 131 0.73 39.15 -5.45
CA THR B 131 2.02 38.76 -6.07
C THR B 131 2.72 39.88 -6.85
N SER B 132 2.12 41.07 -6.81
CA SER B 132 2.69 42.24 -7.47
C SER B 132 4.08 42.48 -6.89
N LEU B 133 4.89 43.19 -7.65
CA LEU B 133 6.19 43.66 -7.20
C LEU B 133 6.07 44.69 -6.05
N ARG B 134 4.84 45.07 -5.67
CA ARG B 134 4.56 45.98 -4.58
C ARG B 134 3.77 45.36 -3.41
N SER B 135 3.79 44.03 -3.26
CA SER B 135 3.01 43.44 -2.19
C SER B 135 4.02 42.90 -1.17
N THR B 136 3.77 43.25 0.09
CA THR B 136 4.65 42.82 1.16
C THR B 136 3.75 42.27 2.21
N VAL B 137 4.34 41.66 3.24
CA VAL B 137 3.55 41.27 4.40
C VAL B 137 2.77 42.47 4.98
N GLY B 138 3.42 43.62 5.06
CA GLY B 138 2.80 44.82 5.62
C GLY B 138 1.63 45.37 4.75
N THR B 139 1.77 45.41 3.43
CA THR B 139 0.65 45.80 2.53
C THR B 139 -0.47 44.80 2.52
N ALA B 140 -0.21 43.52 2.82
CA ALA B 140 -1.29 42.52 2.86
C ALA B 140 -2.01 42.45 4.14
N THR B 141 -1.57 43.19 5.16
CA THR B 141 -2.14 43.03 6.48
C THR B 141 -2.64 44.35 7.09
N ASP B 142 -3.50 44.23 8.10
CA ASP B 142 -3.85 45.40 8.91
C ASP B 142 -2.58 46.07 9.55
N ALA B 143 -1.64 45.24 10.03
CA ALA B 143 -0.36 45.73 10.58
C ALA B 143 0.23 46.86 9.78
N GLY B 144 0.38 46.70 8.48
CA GLY B 144 1.12 47.69 7.70
C GLY B 144 0.40 49.02 7.60
N THR B 145 -0.93 48.95 7.58
CA THR B 145 -1.75 50.14 7.51
C THR B 145 -1.77 50.89 8.84
N LEU B 146 -1.97 50.15 9.93
CA LEU B 146 -1.87 50.66 11.28
C LEU B 146 -0.50 51.33 11.57
N LEU B 147 0.56 50.76 11.01
CA LEU B 147 1.87 51.28 11.21
C LEU B 147 2.00 52.61 10.47
N ARG B 148 1.51 52.70 9.24
CA ARG B 148 1.48 53.96 8.52
C ARG B 148 0.67 55.01 9.22
N ILE B 149 -0.47 54.64 9.79
CA ILE B 149 -1.21 55.59 10.60
C ILE B 149 -0.47 56.07 11.84
N LEU B 150 0.12 55.13 12.60
CA LEU B 150 0.91 55.52 13.77
C LEU B 150 1.97 56.56 13.40
N PHE B 151 2.73 56.28 12.37
CA PHE B 151 3.73 57.20 11.86
C PHE B 151 3.21 58.58 11.39
N SER B 152 2.03 58.60 10.73
CA SER B 152 1.42 59.89 10.34
C SER B 152 1.00 60.68 11.60
N ARG B 153 0.68 60.01 12.71
CA ARG B 153 0.28 60.67 13.93
C ARG B 153 1.36 60.96 14.97
N LEU B 154 2.57 60.42 14.81
CA LEU B 154 3.60 60.49 15.83
C LEU B 154 5.03 60.81 15.32
N ALA B 155 5.37 60.48 14.08
CA ALA B 155 6.70 60.74 13.60
C ALA B 155 6.97 62.25 13.43
N LYS B 156 8.24 62.63 13.57
CA LYS B 156 8.67 64.03 13.52
C LYS B 156 9.86 64.05 12.60
N PRO B 157 9.93 65.00 11.66
CA PRO B 157 8.87 66.01 11.38
C PRO B 157 7.60 65.42 10.77
N TYR B 158 6.46 66.11 10.98
CA TYR B 158 5.26 65.86 10.21
C TYR B 158 5.55 65.92 8.71
N ILE B 159 4.92 65.00 7.98
CA ILE B 159 5.02 64.99 6.51
C ILE B 159 3.70 64.70 5.83
N GLY B 160 2.64 64.41 6.56
CA GLY B 160 1.40 64.08 5.92
C GLY B 160 0.65 62.99 6.61
N THR B 161 -0.36 62.49 5.87
CA THR B 161 -1.27 61.48 6.32
C THR B 161 -0.59 60.11 6.10
N GLN B 162 -1.34 59.05 6.38
CA GLN B 162 -0.81 57.71 6.30
C GLN B 162 -0.21 57.44 4.95
N LYS B 163 -0.75 58.05 3.90
CA LYS B 163 -0.24 57.81 2.55
C LYS B 163 1.14 58.39 2.29
N ALA B 164 1.59 59.38 3.05
CA ALA B 164 3.03 59.77 2.91
C ALA B 164 4.02 58.70 3.38
N PHE B 165 3.52 57.66 4.04
CA PHE B 165 4.40 56.59 4.46
C PHE B 165 4.22 55.36 3.60
N ALA B 166 3.47 55.45 2.48
CA ALA B 166 3.18 54.28 1.60
C ALA B 166 3.99 54.30 0.30
N PHE B 167 4.54 53.17 -0.10
CA PHE B 167 5.31 53.09 -1.36
C PHE B 167 4.43 52.70 -2.56
N ASN B 168 3.18 52.36 -2.32
CA ASN B 168 2.27 52.08 -3.44
C ASN B 168 1.33 53.31 -3.72
N VAL B 169 1.85 54.53 -3.53
CA VAL B 169 1.29 55.81 -4.11
C VAL B 169 2.26 57.03 -4.00
N ALA B 170 2.26 57.85 -5.07
CA ALA B 170 3.17 59.02 -5.29
C ALA B 170 2.45 60.40 -5.21
N SER B 171 3.22 61.49 -5.37
CA SER B 171 2.71 62.89 -5.26
C SER B 171 2.32 63.22 -3.82
N GLY B 193 2.44 61.38 -0.98
CA GLY B 193 2.80 59.98 -1.36
C GLY B 193 4.22 59.47 -1.06
N GLY B 194 4.35 58.32 -0.36
CA GLY B 194 5.68 57.83 0.05
C GLY B 194 6.62 57.21 -0.98
N MET B 195 6.08 56.75 -2.11
CA MET B 195 6.86 56.06 -3.13
C MET B 195 8.21 56.71 -3.42
N CYS B 196 9.28 55.92 -3.47
CA CYS B 196 10.56 56.41 -4.03
C CYS B 196 10.43 56.57 -5.58
N LEU B 197 10.76 57.77 -6.11
CA LEU B 197 10.45 58.11 -7.52
C LEU B 197 11.33 57.38 -8.54
N ALA B 198 12.56 57.08 -8.14
CA ALA B 198 13.51 56.30 -8.92
C ALA B 198 13.09 54.87 -9.28
N CYS B 199 12.74 54.06 -8.27
CA CYS B 199 12.28 52.68 -8.50
C CYS B 199 10.78 52.51 -8.54
N GLU B 200 10.02 53.60 -8.33
CA GLU B 200 8.56 53.53 -8.19
C GLU B 200 8.04 52.54 -7.13
N GLY B 201 8.61 52.62 -5.94
CA GLY B 201 8.19 51.74 -4.84
C GLY B 201 8.47 50.26 -4.99
N ILE B 202 9.21 49.86 -6.02
CA ILE B 202 9.56 48.46 -6.23
C ILE B 202 10.78 48.07 -5.39
N GLY B 203 11.78 48.95 -5.31
CA GLY B 203 12.95 48.73 -4.51
C GLY B 203 14.16 48.16 -5.22
N SER B 204 14.01 47.78 -6.51
CA SER B 204 15.11 47.32 -7.43
C SER B 204 15.02 48.02 -8.77
N CYS B 316 17.71 49.21 -5.67
CA CYS B 316 17.66 50.64 -6.08
C CYS B 316 18.47 51.55 -5.16
N SER B 317 19.57 52.11 -5.65
CA SER B 317 20.51 52.87 -4.80
C SER B 317 19.88 54.07 -4.05
N GLU B 318 18.86 54.73 -4.62
CA GLU B 318 18.25 55.90 -3.96
C GLU B 318 17.44 55.64 -2.68
N CYS B 319 16.79 54.48 -2.58
CA CYS B 319 16.14 54.07 -1.31
C CYS B 319 16.68 52.79 -0.65
N HIS B 320 17.78 52.22 -1.16
CA HIS B 320 18.49 51.05 -0.58
C HIS B 320 17.58 49.86 -0.35
N GLY B 321 16.64 49.68 -1.28
CA GLY B 321 15.64 48.64 -1.21
C GLY B 321 14.42 48.89 -0.35
N THR B 322 14.34 50.03 0.33
CA THR B 322 13.20 50.25 1.25
C THR B 322 11.92 50.66 0.57
N ARG B 323 12.03 51.08 -0.68
CA ARG B 323 10.91 51.51 -1.54
C ARG B 323 10.39 52.94 -1.26
N LEU B 324 10.98 53.66 -0.33
CA LEU B 324 10.40 54.90 0.15
C LEU B 324 11.30 56.06 -0.21
N SER B 325 10.68 57.22 -0.38
CA SER B 325 11.42 58.49 -0.66
C SER B 325 12.17 58.96 0.59
N GLU B 326 13.10 59.89 0.38
CA GLU B 326 13.91 60.47 1.49
C GLU B 326 13.05 61.18 2.55
N THR B 327 12.05 61.92 2.07
CA THR B 327 10.99 62.49 2.88
C THR B 327 10.21 61.47 3.71
N ALA B 328 9.86 60.35 3.07
CA ALA B 328 9.09 59.34 3.81
C ALA B 328 10.00 58.77 4.91
N ARG B 329 11.29 58.60 4.62
CA ARG B 329 12.21 58.12 5.63
C ARG B 329 12.71 59.12 6.67
N SER B 330 12.45 60.41 6.46
CA SER B 330 12.94 61.47 7.36
C SER B 330 12.09 61.55 8.60
N ALA B 331 10.83 61.13 8.52
CA ALA B 331 9.96 61.25 9.67
C ALA B 331 10.15 59.99 10.58
N LYS B 332 10.50 60.25 11.82
CA LYS B 332 11.00 59.21 12.73
C LYS B 332 10.27 59.24 14.03
N ILE B 333 10.09 58.07 14.62
CA ILE B 333 9.54 57.93 15.99
C ILE B 333 10.70 57.37 16.83
N ASP B 334 11.19 58.18 17.78
CA ASP B 334 12.33 57.72 18.62
C ASP B 334 13.46 57.13 17.91
N GLY B 335 13.87 57.78 16.84
CA GLY B 335 15.01 57.30 16.01
C GLY B 335 14.70 56.33 14.87
N LEU B 336 13.45 55.86 14.78
CA LEU B 336 13.09 54.78 13.78
C LEU B 336 12.21 55.39 12.69
N SER B 337 12.66 55.32 11.43
CA SER B 337 11.76 55.52 10.25
C SER B 337 10.87 54.28 10.06
N ILE B 338 9.88 54.41 9.19
CA ILE B 338 8.96 53.30 8.95
C ILE B 338 9.70 52.16 8.19
N ALA B 339 10.72 52.50 7.44
CA ALA B 339 11.62 51.54 6.79
C ALA B 339 12.38 50.69 7.80
N ASP B 340 12.92 51.31 8.85
CA ASP B 340 13.51 50.57 9.97
C ASP B 340 12.48 49.69 10.67
N ALA B 341 11.29 50.25 10.96
CA ALA B 341 10.24 49.50 11.60
C ALA B 341 9.79 48.24 10.78
N SER B 342 9.84 48.38 9.47
CA SER B 342 9.32 47.37 8.57
C SER B 342 10.40 46.35 8.37
N ALA B 343 11.66 46.73 8.62
CA ALA B 343 12.79 45.82 8.41
C ALA B 343 13.01 44.88 9.57
N MET B 344 12.57 45.21 10.76
CA MET B 344 12.83 44.32 11.87
C MET B 344 11.90 43.08 11.90
N GLN B 345 12.24 42.07 12.69
CA GLN B 345 11.30 40.97 12.94
C GLN B 345 10.09 41.56 13.60
N ILE B 346 8.94 40.99 13.32
CA ILE B 346 7.73 41.37 13.95
C ILE B 346 7.81 41.14 15.46
N SER B 347 8.53 40.08 15.90
CA SER B 347 8.70 39.93 17.38
C SER B 347 9.40 41.20 17.97
N ASP B 348 10.40 41.73 17.31
CA ASP B 348 11.08 43.01 17.72
C ASP B 348 10.22 44.26 17.55
N LEU B 349 9.52 44.38 16.40
CA LEU B 349 8.50 45.40 16.25
C LEU B 349 7.50 45.43 17.34
N ALA B 350 7.02 44.27 17.74
CA ALA B 350 6.03 44.20 18.78
C ALA B 350 6.60 44.78 20.08
N ALA B 351 7.85 44.46 20.38
CA ALA B 351 8.45 44.96 21.65
C ALA B 351 8.63 46.49 21.47
N TRP B 352 9.08 46.95 20.30
CA TRP B 352 9.23 48.38 20.09
C TRP B 352 7.91 49.12 20.33
N ILE B 353 6.82 48.59 19.80
CA ILE B 353 5.49 49.19 19.98
C ILE B 353 5.06 49.26 21.43
N ARG B 354 5.31 48.18 22.17
CA ARG B 354 4.93 48.11 23.59
C ARG B 354 5.70 49.13 24.42
N GLY B 355 6.90 49.50 24.01
CA GLY B 355 7.70 50.51 24.74
C GLY B 355 7.38 51.98 24.42
N LEU B 356 6.41 52.22 23.52
CA LEU B 356 6.01 53.54 23.12
C LEU B 356 4.95 54.03 24.11
N THR B 357 5.17 55.25 24.59
CA THR B 357 4.30 55.93 25.56
C THR B 357 4.00 57.24 24.86
N ASP B 358 2.75 57.53 24.62
CA ASP B 358 2.36 58.83 24.09
C ASP B 358 0.86 58.79 24.12
N PRO B 359 0.24 59.56 25.02
CA PRO B 359 -1.23 59.55 25.16
C PRO B 359 -2.04 59.88 23.92
N SER B 360 -1.49 60.60 22.95
CA SER B 360 -2.26 60.83 21.71
C SER B 360 -2.65 59.53 20.95
N VAL B 361 -1.82 58.48 21.05
CA VAL B 361 -1.97 57.28 20.19
C VAL B 361 -2.22 55.96 20.94
N THR B 362 -2.65 56.06 22.19
CA THR B 362 -2.87 54.90 23.06
C THR B 362 -3.69 53.74 22.46
N THR B 363 -4.87 54.02 21.92
CA THR B 363 -5.71 53.00 21.34
C THR B 363 -5.07 52.39 20.09
N LEU B 364 -4.45 53.24 19.26
CA LEU B 364 -3.75 52.77 18.07
C LEU B 364 -2.62 51.80 18.46
N LEU B 365 -1.84 52.18 19.48
CA LEU B 365 -0.75 51.36 20.05
C LEU B 365 -1.24 50.01 20.56
N THR B 366 -2.37 50.02 21.26
CA THR B 366 -3.02 48.78 21.72
C THR B 366 -3.44 47.93 20.53
N VAL B 367 -4.08 48.53 19.55
CA VAL B 367 -4.59 47.79 18.40
C VAL B 367 -3.45 47.21 17.55
N LEU B 368 -2.42 48.00 17.22
CA LEU B 368 -1.27 47.53 16.49
C LEU B 368 -0.48 46.47 17.29
N GLY B 369 -0.26 46.74 18.56
CA GLY B 369 0.35 45.80 19.51
C GLY B 369 -0.31 44.42 19.45
N GLN B 370 -1.63 44.37 19.56
CA GLN B 370 -2.38 43.10 19.51
C GLN B 370 -2.28 42.35 18.20
N THR B 371 -2.27 43.05 17.04
CA THR B 371 -2.11 42.34 15.77
C THR B 371 -0.73 41.73 15.69
N LEU B 372 0.27 42.53 16.02
CA LEU B 372 1.65 42.04 15.99
C LEU B 372 1.87 40.82 16.89
N GLU B 373 1.30 40.84 18.07
CA GLU B 373 1.42 39.76 19.04
C GLU B 373 0.72 38.52 18.52
N SER B 374 -0.32 38.72 17.74
CA SER B 374 -0.98 37.61 17.10
C SER B 374 -0.12 36.93 16.04
N PHE B 375 0.61 37.70 15.24
CA PHE B 375 1.63 37.14 14.40
C PHE B 375 2.62 36.28 15.23
N VAL B 376 3.09 36.83 16.33
CA VAL B 376 4.03 36.11 17.22
C VAL B 376 3.43 34.78 17.70
N GLN B 377 2.16 34.81 18.11
CA GLN B 377 1.40 33.67 18.64
C GLN B 377 1.18 32.56 17.64
N ILE B 378 0.95 32.89 16.38
CA ILE B 378 0.83 31.85 15.36
C ILE B 378 2.19 31.38 14.89
N GLY B 379 3.25 31.97 15.42
CA GLY B 379 4.59 31.57 15.05
C GLY B 379 5.21 32.28 13.89
N LEU B 380 4.70 33.45 13.50
CA LEU B 380 5.35 34.21 12.40
C LEU B 380 6.20 35.41 12.91
N GLY B 381 6.69 35.33 14.16
CA GLY B 381 7.42 36.44 14.74
C GLY B 381 8.67 36.74 14.03
N TYR B 382 9.18 35.75 13.28
CA TYR B 382 10.42 35.93 12.54
C TYR B 382 10.32 36.63 11.26
N LEU B 383 9.12 36.80 10.73
CA LEU B 383 8.97 37.56 9.47
C LEU B 383 9.09 39.07 9.78
N SER B 384 9.43 39.88 8.78
CA SER B 384 9.39 41.35 8.83
C SER B 384 8.21 41.83 7.95
N LEU B 385 7.67 43.01 8.25
CA LEU B 385 6.64 43.61 7.44
C LEU B 385 7.14 43.93 6.03
N ASP B 386 8.42 44.17 5.84
CA ASP B 386 8.89 44.50 4.47
C ASP B 386 9.10 43.29 3.57
N ARG B 387 8.90 42.07 4.09
CA ARG B 387 9.10 40.82 3.30
C ARG B 387 8.16 40.84 2.13
N SER B 388 8.72 40.62 0.97
CA SER B 388 7.98 40.57 -0.27
C SER B 388 7.04 39.33 -0.25
N SER B 389 5.77 39.57 -0.55
CA SER B 389 4.72 38.55 -0.53
C SER B 389 5.01 37.30 -1.40
N SER B 390 5.69 37.48 -2.51
CA SER B 390 6.07 36.33 -3.38
C SER B 390 7.22 35.47 -2.87
N THR B 391 7.94 35.87 -1.83
CA THR B 391 8.99 35.05 -1.29
C THR B 391 8.51 34.28 -0.08
N LEU B 392 7.24 34.34 0.25
CA LEU B 392 6.75 33.55 1.37
C LEU B 392 6.52 32.16 0.83
N SER B 393 6.69 31.16 1.68
CA SER B 393 6.29 29.80 1.36
C SER B 393 4.77 29.72 1.36
N GLY B 394 4.27 28.60 0.87
CA GLY B 394 2.82 28.36 0.81
C GLY B 394 2.25 28.40 2.21
N GLY B 395 2.94 27.75 3.11
CA GLY B 395 2.56 27.75 4.51
C GLY B 395 2.62 29.11 5.23
N GLU B 396 3.65 29.88 4.98
CA GLU B 396 3.76 31.28 5.52
C GLU B 396 2.60 32.17 5.00
N ALA B 397 2.33 32.12 3.69
CA ALA B 397 1.17 32.83 3.12
C ALA B 397 -0.13 32.47 3.77
N GLN B 398 -0.32 31.18 4.02
CA GLN B 398 -1.52 30.74 4.64
C GLN B 398 -1.64 31.24 6.07
N ARG B 399 -0.51 31.23 6.79
CA ARG B 399 -0.54 31.64 8.18
C ARG B 399 -0.72 33.20 8.27
N VAL B 400 -0.11 33.97 7.38
CA VAL B 400 -0.31 35.39 7.32
C VAL B 400 -1.81 35.71 7.15
N LYS B 401 -2.52 35.00 6.27
CA LYS B 401 -3.99 35.15 6.12
C LYS B 401 -4.73 34.79 7.36
N MET B 402 -4.24 33.77 8.05
CA MET B 402 -4.92 33.40 9.26
C MET B 402 -4.93 34.44 10.34
N VAL B 403 -3.93 35.29 10.40
CA VAL B 403 -3.93 36.38 11.38
C VAL B 403 -5.24 37.18 11.20
N ARG B 404 -5.55 37.56 9.99
CA ARG B 404 -6.81 38.30 9.73
C ARG B 404 -8.05 37.55 10.16
N HIS B 405 -8.13 36.24 9.87
CA HIS B 405 -9.33 35.52 10.25
C HIS B 405 -9.46 35.39 11.71
N LEU B 406 -8.34 35.16 12.39
CA LEU B 406 -8.42 35.00 13.83
C LEU B 406 -8.90 36.32 14.51
N GLY B 407 -8.56 37.45 13.93
CA GLY B 407 -8.97 38.77 14.47
C GLY B 407 -10.33 39.25 13.95
N SER B 408 -10.94 38.54 12.99
CA SER B 408 -12.18 39.01 12.38
C SER B 408 -13.39 38.77 13.27
N ALA B 409 -14.29 39.73 13.25
CA ALA B 409 -15.59 39.55 13.89
C ALA B 409 -16.64 38.70 13.12
N LEU B 410 -16.36 38.30 11.89
CA LEU B 410 -17.28 37.35 11.21
C LEU B 410 -17.49 36.08 11.90
N THR B 411 -18.73 35.63 11.85
CA THR B 411 -19.15 34.37 12.38
C THR B 411 -20.04 33.68 11.33
N ASP B 412 -20.37 32.42 11.61
CA ASP B 412 -21.10 31.50 10.71
C ASP B 412 -20.52 31.48 9.28
N VAL B 413 -19.23 31.60 9.15
CA VAL B 413 -18.62 31.38 7.86
C VAL B 413 -17.92 30.01 7.85
N THR B 414 -17.58 29.56 6.67
CA THR B 414 -16.90 28.26 6.53
C THR B 414 -15.49 28.62 6.10
N TYR B 415 -14.52 28.33 6.94
CA TYR B 415 -13.17 28.57 6.62
C TYR B 415 -12.61 27.19 6.11
N VAL B 416 -11.91 27.21 4.98
CA VAL B 416 -11.44 26.04 4.28
C VAL B 416 -9.93 26.04 4.14
N PHE B 417 -9.26 25.08 4.78
CA PHE B 417 -7.80 24.97 4.81
C PHE B 417 -7.25 23.78 4.01
N ASP B 418 -6.21 24.05 3.28
CA ASP B 418 -5.42 23.08 2.51
C ASP B 418 -4.14 22.74 3.29
N GLU B 419 -4.14 21.61 3.99
CA GLU B 419 -2.97 21.12 4.68
C GLU B 419 -2.26 22.19 5.55
N PRO B 420 -2.93 22.67 6.60
CA PRO B 420 -2.34 23.79 7.41
C PRO B 420 -1.10 23.41 8.27
N THR B 421 -0.74 22.12 8.35
CA THR B 421 0.57 21.71 8.89
C THR B 421 1.74 21.89 7.96
N VAL B 422 1.53 22.33 6.72
CA VAL B 422 2.66 22.46 5.78
C VAL B 422 3.66 23.50 6.32
N GLY B 423 4.96 23.25 6.16
CA GLY B 423 6.05 24.16 6.66
C GLY B 423 6.13 24.28 8.18
N LEU B 424 5.46 23.42 8.95
CA LEU B 424 5.60 23.43 10.39
C LEU B 424 6.44 22.27 10.95
N HIS B 425 7.37 22.61 11.85
CA HIS B 425 8.20 21.63 12.56
C HIS B 425 7.30 20.80 13.43
N PRO B 426 7.70 19.54 13.72
CA PRO B 426 6.90 18.78 14.68
C PRO B 426 6.56 19.47 16.05
N HIS B 427 7.51 20.23 16.55
CA HIS B 427 7.35 21.02 17.79
C HIS B 427 6.11 22.00 17.71
N ASP B 428 5.82 22.50 16.52
CA ASP B 428 4.80 23.52 16.27
C ASP B 428 3.41 23.08 15.76
N ILE B 429 3.17 21.79 15.67
CA ILE B 429 1.87 21.34 15.23
C ILE B 429 0.75 21.59 16.28
N GLN B 430 0.94 21.36 17.56
CA GLN B 430 -0.14 21.55 18.52
C GLN B 430 -0.64 23.01 18.55
N ARG B 431 0.26 23.94 18.33
CA ARG B 431 -0.02 25.36 18.32
C ARG B 431 -0.99 25.67 17.13
N MET B 432 -0.67 25.14 15.94
CA MET B 432 -1.60 25.21 14.74
C MET B 432 -2.93 24.60 15.06
N ASN B 433 -2.95 23.38 15.61
CA ASN B 433 -4.18 22.79 15.99
C ASN B 433 -5.11 23.72 16.87
N GLU B 434 -4.52 24.31 17.90
CA GLU B 434 -5.30 25.18 18.84
C GLU B 434 -5.87 26.40 18.06
N LEU B 435 -5.11 26.94 17.12
CA LEU B 435 -5.57 27.99 16.18
C LEU B 435 -6.78 27.60 15.36
N LEU B 436 -6.79 26.36 14.85
CA LEU B 436 -7.92 25.87 14.10
C LEU B 436 -9.13 25.74 15.00
N LEU B 437 -8.98 25.22 16.20
CA LEU B 437 -10.12 25.04 17.09
C LEU B 437 -10.62 26.44 17.64
N ARG B 438 -9.74 27.40 17.71
CA ARG B 438 -10.09 28.74 18.17
C ARG B 438 -10.96 29.38 17.09
N LEU B 439 -10.57 29.23 15.81
CA LEU B 439 -11.41 29.66 14.71
C LEU B 439 -12.81 29.08 14.76
N ARG B 440 -12.90 27.79 15.01
CA ARG B 440 -14.18 27.14 15.16
C ARG B 440 -15.03 27.68 16.32
N ASP B 441 -14.36 27.85 17.43
CA ASP B 441 -15.04 28.29 18.66
C ASP B 441 -15.53 29.77 18.61
N LYS B 442 -14.99 30.57 17.69
CA LYS B 442 -15.60 31.81 17.27
C LYS B 442 -16.97 31.71 16.64
N GLY B 443 -17.44 30.50 16.37
CA GLY B 443 -18.74 30.22 15.79
C GLY B 443 -18.68 29.98 14.29
N ASN B 444 -17.65 29.24 13.82
CA ASN B 444 -17.45 29.03 12.41
C ASN B 444 -17.24 27.52 12.10
N THR B 445 -17.57 27.19 10.86
CA THR B 445 -17.31 25.85 10.30
C THR B 445 -15.91 25.88 9.80
N VAL B 446 -15.11 24.90 10.20
CA VAL B 446 -13.73 24.76 9.79
C VAL B 446 -13.50 23.39 9.05
N LEU B 447 -13.14 23.50 7.79
CA LEU B 447 -12.92 22.31 6.87
C LEU B 447 -11.46 22.27 6.60
N VAL B 448 -10.79 21.15 6.97
CA VAL B 448 -9.37 21.03 6.83
C VAL B 448 -9.03 19.74 5.99
N VAL B 449 -8.20 19.89 5.00
CA VAL B 449 -7.69 18.73 4.24
C VAL B 449 -6.32 18.43 4.84
N GLU B 450 -6.18 17.26 5.44
CA GLU B 450 -4.96 16.87 6.11
C GLU B 450 -4.63 15.38 5.99
N HIS B 451 -3.32 15.14 6.02
CA HIS B 451 -2.72 13.83 6.13
C HIS B 451 -2.09 13.56 7.50
N LYS B 452 -1.85 14.58 8.31
CA LYS B 452 -1.07 14.35 9.56
C LYS B 452 -1.91 13.84 10.64
N PRO B 453 -1.58 12.65 11.18
CA PRO B 453 -2.46 12.18 12.27
C PRO B 453 -2.62 13.13 13.50
N GLU B 454 -1.60 13.87 13.84
CA GLU B 454 -1.63 14.74 15.00
C GLU B 454 -2.74 15.88 14.81
N THR B 455 -3.06 16.25 13.57
CA THR B 455 -4.17 17.17 13.25
C THR B 455 -5.45 16.42 13.00
N ILE B 456 -5.41 15.29 12.26
CA ILE B 456 -6.63 14.47 12.10
C ILE B 456 -7.35 14.22 13.40
N VAL B 457 -6.60 13.90 14.46
CA VAL B 457 -7.22 13.41 15.69
C VAL B 457 -7.93 14.50 16.47
N ILE B 458 -7.75 15.79 16.13
CA ILE B 458 -8.52 16.88 16.79
C ILE B 458 -9.88 17.07 16.21
N ALA B 459 -10.22 16.35 15.14
CA ALA B 459 -11.48 16.57 14.46
C ALA B 459 -12.76 16.19 15.18
N ASP B 460 -13.82 16.96 14.93
CA ASP B 460 -15.17 16.56 15.41
C ASP B 460 -15.74 15.56 14.48
N HIS B 461 -15.29 15.62 13.23
CA HIS B 461 -15.86 14.80 12.16
C HIS B 461 -14.79 14.53 11.12
N VAL B 462 -14.91 13.36 10.46
CA VAL B 462 -13.93 12.87 9.47
C VAL B 462 -14.62 12.47 8.25
N VAL B 463 -14.11 12.89 7.11
CA VAL B 463 -14.59 12.42 5.83
C VAL B 463 -13.36 11.81 5.10
N ASP B 464 -13.38 10.51 4.85
CA ASP B 464 -12.21 9.81 4.23
C ASP B 464 -12.51 9.39 2.80
N LEU B 465 -11.70 9.87 1.87
CA LEU B 465 -11.89 9.67 0.47
C LEU B 465 -10.97 8.52 0.02
N GLY B 466 -11.48 7.72 -0.90
CA GLY B 466 -10.71 6.52 -1.35
C GLY B 466 -11.51 5.63 -2.28
N PRO B 467 -11.17 4.33 -2.35
CA PRO B 467 -10.11 3.71 -1.59
C PRO B 467 -8.73 4.28 -1.81
N LEU B 468 -8.42 4.58 -3.02
CA LEU B 468 -7.08 5.02 -3.41
C LEU B 468 -7.29 6.25 -4.28
N ALA B 469 -6.56 6.40 -5.38
CA ALA B 469 -6.46 7.62 -6.14
C ALA B 469 -7.11 7.55 -7.53
N GLY B 470 -7.47 8.72 -8.03
CA GLY B 470 -8.05 8.85 -9.35
C GLY B 470 -9.29 8.02 -9.63
N THR B 471 -9.26 7.20 -10.67
CA THR B 471 -10.43 6.33 -10.96
C THR B 471 -10.51 5.29 -9.90
N LYS B 472 -9.42 5.03 -9.18
CA LYS B 472 -9.50 4.11 -8.00
C LYS B 472 -9.82 4.80 -6.69
N GLY B 473 -10.14 6.09 -6.71
CA GLY B 473 -10.76 6.66 -5.49
C GLY B 473 -12.09 7.37 -5.75
N GLY B 474 -12.31 8.55 -5.13
CA GLY B 474 -13.52 9.28 -5.38
C GLY B 474 -14.73 8.82 -4.66
N GLU B 475 -14.54 7.99 -3.67
CA GLU B 475 -15.62 7.51 -2.90
C GLU B 475 -15.39 7.96 -1.50
N VAL B 476 -16.46 8.18 -0.78
CA VAL B 476 -16.40 8.34 0.65
C VAL B 476 -16.33 6.99 1.32
N VAL B 477 -15.16 6.57 1.78
CA VAL B 477 -15.01 5.21 2.30
C VAL B 477 -15.20 5.13 3.77
N PHE B 478 -15.09 6.26 4.48
CA PHE B 478 -15.50 6.34 5.80
C PHE B 478 -16.03 7.78 6.09
N GLU B 479 -17.05 7.91 6.93
CA GLU B 479 -17.48 9.23 7.47
C GLU B 479 -17.92 9.00 8.90
N GLY B 480 -17.39 9.74 9.85
CA GLY B 480 -17.81 9.61 11.21
C GLY B 480 -16.76 10.26 12.10
N THR B 481 -16.60 9.69 13.26
CA THR B 481 -15.67 10.19 14.24
C THR B 481 -14.29 9.63 13.97
N VAL B 482 -13.33 10.24 14.64
CA VAL B 482 -11.95 9.85 14.62
C VAL B 482 -11.78 8.40 15.16
N GLU B 483 -12.56 8.03 16.17
CA GLU B 483 -12.51 6.66 16.70
C GLU B 483 -13.10 5.71 15.66
N GLY B 484 -14.14 6.12 14.96
CA GLY B 484 -14.68 5.36 13.86
C GLY B 484 -13.66 5.17 12.73
N LEU B 485 -12.87 6.21 12.46
CA LEU B 485 -11.84 6.14 11.41
C LEU B 485 -10.79 5.03 11.68
N ARG B 486 -10.31 5.01 12.91
CA ARG B 486 -9.33 4.03 13.40
C ARG B 486 -9.76 2.60 13.19
N ALA B 487 -11.03 2.34 13.45
CA ALA B 487 -11.65 1.04 13.35
C ALA B 487 -12.14 0.73 12.00
N SER B 488 -12.04 1.63 11.04
CA SER B 488 -12.76 1.45 9.75
C SER B 488 -12.14 0.43 8.74
N GLY B 489 -10.85 0.20 8.80
CA GLY B 489 -10.14 -0.60 7.77
C GLY B 489 -9.90 0.07 6.42
N THR B 490 -9.99 1.41 6.34
CA THR B 490 -9.67 2.10 5.09
C THR B 490 -8.22 2.18 5.06
N VAL B 491 -7.71 2.57 3.90
CA VAL B 491 -6.26 2.84 3.75
C VAL B 491 -5.82 3.85 4.73
N THR B 492 -6.58 4.95 4.97
CA THR B 492 -6.17 5.92 6.00
C THR B 492 -6.25 5.33 7.38
N GLY B 493 -7.37 4.67 7.67
CA GLY B 493 -7.45 4.06 9.02
C GLY B 493 -6.32 3.09 9.33
N ARG B 494 -5.91 2.27 8.35
CA ARG B 494 -4.84 1.25 8.51
C ARG B 494 -3.45 1.85 8.68
N HIS B 495 -3.18 3.03 8.13
CA HIS B 495 -1.88 3.74 8.32
C HIS B 495 -1.84 4.76 9.39
N LEU B 496 -2.95 5.00 10.08
CA LEU B 496 -3.00 6.17 11.02
C LEU B 496 -1.92 6.12 12.10
N ASP B 497 -1.61 4.91 12.58
CA ASP B 497 -0.53 4.74 13.57
C ASP B 497 0.86 4.39 13.00
N ASP B 498 1.00 4.23 11.68
CA ASP B 498 2.32 4.04 10.98
C ASP B 498 3.32 5.07 11.46
N ARG B 499 4.47 4.63 11.92
CA ARG B 499 5.55 5.52 12.37
C ARG B 499 6.87 4.82 12.02
N ALA B 500 7.69 5.48 11.22
CA ALA B 500 8.84 4.87 10.65
C ALA B 500 9.85 4.47 11.70
N SER B 501 10.83 3.68 11.32
CA SER B 501 11.98 3.39 12.14
C SER B 501 13.14 3.97 11.41
N LEU B 502 14.23 4.17 12.16
CA LEU B 502 15.50 4.57 11.54
C LEU B 502 16.05 3.42 10.70
N LYS B 503 16.87 3.76 9.73
CA LYS B 503 17.56 2.75 8.93
C LYS B 503 18.49 1.97 9.82
N PRO B 504 18.72 0.67 9.54
CA PRO B 504 19.69 -0.10 10.33
C PRO B 504 21.14 0.39 10.09
N SER B 505 21.43 1.02 8.95
CA SER B 505 22.75 1.58 8.71
C SER B 505 22.54 2.72 7.75
N VAL B 506 23.58 3.56 7.58
CA VAL B 506 23.54 4.69 6.63
C VAL B 506 24.63 4.57 5.61
N ARG B 507 24.46 5.23 4.48
CA ARG B 507 25.43 5.22 3.42
C ARG B 507 26.60 6.08 3.76
N GLN B 508 27.72 5.80 3.09
CA GLN B 508 28.98 6.48 3.36
C GLN B 508 29.19 7.47 2.25
N ARG B 509 29.60 8.66 2.61
CA ARG B 509 29.75 9.79 1.67
C ARG B 509 30.80 9.53 0.61
N THR B 510 30.57 10.01 -0.61
CA THR B 510 31.51 9.89 -1.71
C THR B 510 32.21 11.23 -1.97
N GLY B 511 32.40 12.01 -0.88
CA GLY B 511 32.79 13.42 -0.98
C GLY B 511 32.06 14.38 -0.04
N VAL B 512 32.25 15.67 -0.32
CA VAL B 512 31.79 16.77 0.53
C VAL B 512 31.49 17.98 -0.34
N VAL B 513 30.42 18.71 -0.01
CA VAL B 513 30.18 20.09 -0.49
C VAL B 513 30.52 20.96 0.69
N GLU B 514 31.48 21.85 0.49
CA GLU B 514 31.96 22.70 1.55
C GLU B 514 31.21 23.99 1.47
N VAL B 515 30.49 24.29 2.55
CA VAL B 515 29.78 25.52 2.67
C VAL B 515 30.58 26.34 3.64
N ARG B 516 30.96 27.55 3.18
CA ARG B 516 31.83 28.45 3.97
C ARG B 516 31.33 29.91 4.14
N GLY B 517 31.20 30.32 5.41
CA GLY B 517 30.74 31.67 5.77
C GLY B 517 29.34 32.03 5.29
N ALA B 518 28.41 31.06 5.32
CA ALA B 518 27.02 31.32 4.90
C ALA B 518 26.41 32.38 5.82
N ASP B 519 26.01 33.48 5.20
CA ASP B 519 25.51 34.63 5.96
C ASP B 519 24.21 35.27 5.42
N ALA B 520 23.60 34.73 4.35
CA ALA B 520 22.23 35.16 3.95
C ALA B 520 21.27 35.19 5.16
N HIS B 521 20.42 36.23 5.18
CA HIS B 521 19.35 36.36 6.14
C HIS B 521 19.86 36.23 7.54
N ASN B 522 19.38 35.28 8.33
CA ASN B 522 19.76 35.17 9.70
C ASN B 522 21.01 34.30 9.90
N LEU B 523 21.64 33.84 8.83
CA LEU B 523 22.66 32.76 9.01
C LEU B 523 23.94 33.29 9.69
N ARG B 524 24.41 32.63 10.75
CA ARG B 524 25.46 33.21 11.61
C ARG B 524 26.83 32.71 11.16
N ASP B 525 27.21 33.15 9.95
CA ASP B 525 28.49 32.80 9.31
C ASP B 525 28.72 31.30 9.45
N VAL B 526 27.90 30.56 8.72
CA VAL B 526 27.83 29.10 8.92
C VAL B 526 28.86 28.39 8.05
N ASP B 527 29.66 27.53 8.69
CA ASP B 527 30.51 26.55 7.97
C ASP B 527 29.90 25.18 8.14
N VAL B 528 29.67 24.48 7.04
CA VAL B 528 29.23 23.11 7.14
C VAL B 528 29.61 22.34 5.90
N ASP B 529 29.88 21.03 6.10
CA ASP B 529 30.12 20.14 4.99
C ASP B 529 28.86 19.32 4.73
N ILE B 530 28.39 19.28 3.49
CA ILE B 530 27.23 18.44 3.14
C ILE B 530 27.75 17.23 2.39
N PRO B 531 27.45 16.01 2.89
CA PRO B 531 27.96 14.80 2.23
C PRO B 531 27.36 14.55 0.86
N LEU B 532 28.23 14.20 -0.09
CA LEU B 532 27.81 13.77 -1.42
C LEU B 532 27.57 12.27 -1.43
N GLY B 533 26.82 11.84 -2.45
CA GLY B 533 26.32 10.46 -2.62
C GLY B 533 25.43 9.92 -1.50
N VAL B 534 24.81 10.79 -0.70
CA VAL B 534 23.91 10.30 0.34
C VAL B 534 22.64 11.12 0.34
N LEU B 535 21.68 10.68 1.15
CA LEU B 535 20.46 11.40 1.37
C LEU B 535 20.68 12.21 2.64
N THR B 536 20.79 13.53 2.47
CA THR B 536 20.86 14.46 3.61
C THR B 536 19.47 15.12 3.78
N VAL B 537 18.95 15.13 5.02
CA VAL B 537 17.71 15.83 5.36
C VAL B 537 18.06 17.03 6.23
N VAL B 538 17.70 18.23 5.77
CA VAL B 538 17.94 19.50 6.49
C VAL B 538 16.72 19.85 7.29
N THR B 539 16.86 19.91 8.60
CA THR B 539 15.72 20.04 9.48
C THR B 539 15.87 21.33 10.33
N GLY B 540 14.84 21.65 11.11
CA GLY B 540 14.82 22.80 12.05
C GLY B 540 13.48 23.55 11.98
N VAL B 541 13.14 24.31 13.03
CA VAL B 541 11.93 25.08 13.02
C VAL B 541 11.83 26.06 11.82
N ALA B 542 10.59 26.45 11.50
CA ALA B 542 10.35 27.42 10.45
C ALA B 542 11.09 28.71 10.89
N GLY B 543 11.72 29.35 9.94
CA GLY B 543 12.47 30.55 10.19
C GLY B 543 13.87 30.27 10.71
N SER B 544 14.29 29.00 10.78
CA SER B 544 15.57 28.66 11.41
C SER B 544 16.68 28.94 10.45
N GLY B 545 16.36 28.94 9.16
CA GLY B 545 17.34 29.21 8.15
C GLY B 545 17.68 28.09 7.15
N LYS B 546 16.85 27.04 7.10
CA LYS B 546 17.11 25.87 6.23
C LYS B 546 17.23 26.30 4.77
N SER B 547 16.26 27.02 4.25
CA SER B 547 16.28 27.41 2.82
C SER B 547 17.35 28.46 2.54
N SER B 548 17.60 29.31 3.53
CA SER B 548 18.61 30.36 3.42
C SER B 548 19.94 29.64 3.27
N LEU B 549 20.15 28.58 4.05
CA LEU B 549 21.41 27.88 3.93
C LEU B 549 21.50 27.22 2.58
N ILE B 550 20.51 26.41 2.26
CA ILE B 550 20.61 25.50 1.09
C ILE B 550 20.49 26.23 -0.25
N HIS B 551 19.48 27.07 -0.38
CA HIS B 551 19.35 27.91 -1.57
C HIS B 551 20.56 28.85 -1.72
N GLY B 552 20.99 29.46 -0.61
CA GLY B 552 22.09 30.46 -0.64
C GLY B 552 23.47 29.91 -1.01
N SER B 553 23.79 28.72 -0.51
CA SER B 553 25.14 28.19 -0.58
C SER B 553 25.29 27.00 -1.52
N VAL B 554 24.20 26.26 -1.84
CA VAL B 554 24.30 25.04 -2.69
C VAL B 554 23.64 25.16 -4.04
N ALA B 555 22.49 25.81 -4.08
CA ALA B 555 21.66 25.89 -5.28
C ALA B 555 22.35 26.48 -6.53
N GLY B 556 23.19 27.49 -6.36
CA GLY B 556 23.90 28.08 -7.51
C GLY B 556 24.96 27.22 -8.18
N ARG B 557 25.44 26.16 -7.53
CA ARG B 557 26.62 25.43 -8.00
C ARG B 557 26.27 24.52 -9.17
N ASP B 558 27.31 24.08 -9.87
CA ASP B 558 27.22 23.29 -11.12
C ASP B 558 26.78 21.84 -10.86
N GLY B 559 25.93 21.32 -11.72
CA GLY B 559 25.36 20.00 -11.54
C GLY B 559 24.17 19.92 -10.57
N VAL B 560 23.87 21.03 -9.87
CA VAL B 560 22.82 21.07 -8.85
C VAL B 560 21.47 21.38 -9.46
N VAL B 561 20.53 20.45 -9.32
CA VAL B 561 19.15 20.55 -9.82
C VAL B 561 18.27 20.91 -8.65
N THR B 562 17.71 22.12 -8.67
CA THR B 562 16.74 22.54 -7.68
C THR B 562 15.36 22.21 -8.24
N VAL B 563 14.61 21.38 -7.52
CA VAL B 563 13.25 21.05 -7.94
C VAL B 563 12.29 21.54 -6.90
N ASP B 564 11.62 22.66 -7.15
CA ASP B 564 10.78 23.27 -6.07
C ASP B 564 9.30 23.29 -6.42
N GLN B 565 8.50 23.93 -5.59
CA GLN B 565 7.04 24.03 -5.73
C GLN B 565 6.50 25.25 -6.50
N SER B 566 7.37 26.00 -7.15
CA SER B 566 7.00 27.28 -7.77
C SER B 566 6.14 27.04 -9.01
N PRO B 567 5.28 28.03 -9.41
CA PRO B 567 4.43 27.82 -10.59
C PRO B 567 5.24 27.50 -11.85
N ILE B 568 4.66 26.75 -12.78
CA ILE B 568 5.32 26.44 -14.05
C ILE B 568 4.85 27.48 -15.08
N LYS B 569 5.73 27.86 -16.00
CA LYS B 569 5.40 28.92 -16.98
C LYS B 569 4.41 28.45 -18.05
N GLY B 570 3.56 29.37 -18.50
CA GLY B 570 2.51 29.06 -19.45
C GLY B 570 1.49 28.00 -19.02
N SER B 571 1.28 27.87 -17.70
CA SER B 571 0.44 26.80 -17.13
C SER B 571 -0.99 26.73 -17.69
N ARG B 572 -1.52 27.92 -18.05
CA ARG B 572 -2.83 28.02 -18.68
C ARG B 572 -2.86 27.28 -20.01
N ARG B 573 -1.73 27.26 -20.71
CA ARG B 573 -1.64 26.65 -22.04
C ARG B 573 -1.09 25.22 -22.01
N SER B 574 -0.80 24.66 -20.84
CA SER B 574 -0.04 23.41 -20.76
C SER B 574 -0.72 22.42 -19.83
N ASN B 575 -0.16 21.23 -19.80
CA ASN B 575 -0.73 20.10 -19.09
C ASN B 575 0.43 19.09 -18.92
N PRO B 576 0.20 18.01 -18.18
CA PRO B 576 1.36 17.11 -17.89
C PRO B 576 1.95 16.47 -19.17
N ALA B 577 1.10 16.13 -20.13
CA ALA B 577 1.52 15.57 -21.42
C ALA B 577 2.43 16.50 -22.25
N THR B 578 2.12 17.80 -22.19
CA THR B 578 2.89 18.82 -22.91
C THR B 578 4.13 19.12 -22.14
N TYR B 579 3.98 19.43 -20.86
CA TYR B 579 5.17 19.72 -20.05
C TYR B 579 6.27 18.63 -20.09
N THR B 580 5.91 17.34 -20.20
CA THR B 580 6.90 16.26 -20.19
C THR B 580 7.40 15.85 -21.59
N GLY B 581 6.74 16.28 -22.65
CA GLY B 581 7.16 15.93 -24.00
C GLY B 581 6.46 14.71 -24.57
N MET B 582 5.60 14.03 -23.80
CA MET B 582 4.99 12.81 -24.32
C MET B 582 3.98 13.07 -25.39
N LEU B 583 3.42 14.29 -25.41
CA LEU B 583 2.34 14.60 -26.33
C LEU B 583 2.76 14.43 -27.81
N GLU B 584 3.99 14.84 -28.11
CA GLU B 584 4.48 14.68 -29.48
C GLU B 584 4.40 13.23 -30.04
N PRO B 585 5.04 12.24 -29.36
CA PRO B 585 4.85 10.85 -29.83
C PRO B 585 3.46 10.39 -29.89
N ILE B 586 2.63 10.88 -28.96
CA ILE B 586 1.21 10.49 -29.03
C ILE B 586 0.59 11.02 -30.34
N ARG B 587 0.85 12.28 -30.66
CA ARG B 587 0.31 12.90 -31.88
C ARG B 587 0.80 12.08 -33.14
N LYS B 588 2.08 11.71 -33.12
CA LYS B 588 2.66 10.86 -34.21
C LYS B 588 1.96 9.55 -34.31
N THR B 589 1.66 8.92 -33.16
CA THR B 589 0.88 7.66 -33.25
C THR B 589 -0.51 7.86 -33.78
N PHE B 590 -1.19 8.93 -33.38
CA PHE B 590 -2.52 9.21 -33.96
C PHE B 590 -2.46 9.42 -35.54
N ALA B 591 -1.49 10.21 -35.93
CA ALA B 591 -1.29 10.66 -37.31
C ALA B 591 -0.97 9.44 -38.23
N LYS B 592 0.11 8.71 -37.90
CA LYS B 592 0.44 7.47 -38.59
C LYS B 592 -0.71 6.49 -38.71
N ALA B 593 -1.49 6.31 -37.66
CA ALA B 593 -2.56 5.36 -37.74
C ALA B 593 -3.69 5.81 -38.67
N ASN B 594 -3.91 7.11 -38.76
CA ASN B 594 -5.14 7.61 -39.38
C ASN B 594 -4.92 8.32 -40.70
N GLY B 595 -3.65 8.40 -41.11
CA GLY B 595 -3.25 8.85 -42.42
C GLY B 595 -3.22 10.37 -42.54
N VAL B 596 -2.87 11.04 -41.46
CA VAL B 596 -2.99 12.49 -41.44
C VAL B 596 -1.71 12.99 -40.86
N LYS B 597 -1.59 14.30 -40.70
CA LYS B 597 -0.36 14.89 -40.18
C LYS B 597 -0.38 15.05 -38.66
N PRO B 598 0.78 14.86 -37.99
CA PRO B 598 0.93 15.10 -36.56
C PRO B 598 0.18 16.36 -36.07
N ALA B 599 0.42 17.50 -36.74
CA ALA B 599 0.03 18.87 -36.27
C ALA B 599 -1.49 19.05 -36.16
N LEU B 600 -2.25 18.17 -36.79
CA LEU B 600 -3.68 18.13 -36.70
C LEU B 600 -4.19 17.91 -35.27
N PHE B 601 -3.35 17.29 -34.41
CA PHE B 601 -3.71 17.00 -33.03
C PHE B 601 -3.02 17.94 -32.05
N SER B 602 -2.52 19.08 -32.52
CA SER B 602 -1.83 20.08 -31.68
C SER B 602 -2.71 21.31 -31.32
N PRO B 603 -2.26 22.17 -30.39
CA PRO B 603 -2.91 23.47 -30.14
C PRO B 603 -3.05 24.40 -31.38
N ASN B 604 -2.16 24.30 -32.34
CA ASN B 604 -2.25 25.10 -33.56
C ASN B 604 -2.97 24.37 -34.70
N SER B 605 -3.79 23.37 -34.40
CA SER B 605 -4.46 22.65 -35.48
C SER B 605 -5.49 23.55 -36.14
N GLU B 606 -5.70 23.36 -37.43
CA GLU B 606 -6.93 23.79 -38.10
C GLU B 606 -8.15 23.39 -37.27
N GLY B 607 -8.16 22.15 -36.79
CA GLY B 607 -9.32 21.56 -36.12
C GLY B 607 -9.42 21.83 -34.62
N ALA B 608 -8.44 22.57 -34.08
CA ALA B 608 -8.47 22.98 -32.69
C ALA B 608 -9.68 23.87 -32.46
N CYS B 609 -10.21 23.84 -31.24
CA CYS B 609 -11.30 24.74 -30.87
C CYS B 609 -10.76 26.17 -30.92
N PRO B 610 -11.45 27.05 -31.69
CA PRO B 610 -11.08 28.48 -31.79
C PRO B 610 -10.88 29.20 -30.45
N THR B 611 -11.68 28.86 -29.45
CA THR B 611 -11.73 29.63 -28.22
C THR B 611 -10.84 29.08 -27.06
N CYS B 612 -10.28 27.88 -27.19
CA CYS B 612 -9.41 27.35 -26.14
C CYS B 612 -8.14 26.63 -26.64
N LYS B 613 -8.25 25.44 -27.25
CA LYS B 613 -7.22 24.30 -27.28
C LYS B 613 -7.11 23.47 -25.97
N GLY B 614 -7.11 24.16 -24.83
CA GLY B 614 -7.01 23.55 -23.53
C GLY B 614 -8.26 22.93 -22.99
N ALA B 615 -9.37 23.12 -23.68
CA ALA B 615 -10.71 22.73 -23.22
C ALA B 615 -11.36 23.44 -22.00
N GLY B 616 -10.75 24.50 -21.47
CA GLY B 616 -11.27 25.23 -20.30
C GLY B 616 -11.02 26.64 -20.72
N VAL B 617 -11.66 27.66 -20.12
CA VAL B 617 -11.28 29.12 -20.40
C VAL B 617 -10.98 29.95 -19.14
N VAL B 628 -11.88 30.58 -11.55
CA VAL B 628 -11.19 30.94 -12.77
C VAL B 628 -11.43 29.87 -13.91
N ALA B 629 -10.69 28.76 -13.95
CA ALA B 629 -10.85 27.74 -15.04
C ALA B 629 -12.22 27.03 -15.08
N THR B 630 -12.97 27.23 -16.18
CA THR B 630 -14.26 26.55 -16.41
C THR B 630 -14.30 25.88 -17.81
N THR B 631 -15.13 24.86 -17.95
CA THR B 631 -15.08 24.08 -19.18
C THR B 631 -15.58 24.96 -20.37
N CYS B 632 -14.80 25.00 -21.45
CA CYS B 632 -15.12 25.74 -22.67
C CYS B 632 -16.40 25.25 -23.29
N GLU B 633 -17.34 26.17 -23.49
CA GLU B 633 -18.65 25.80 -23.99
C GLU B 633 -18.65 25.46 -25.50
N ASP B 634 -17.84 26.15 -26.29
CA ASP B 634 -17.77 25.84 -27.74
C ASP B 634 -17.42 24.35 -28.04
N CYS B 635 -16.41 23.78 -27.37
CA CYS B 635 -16.07 22.35 -27.62
C CYS B 635 -16.53 21.38 -26.52
N GLY B 636 -17.15 21.91 -25.49
CA GLY B 636 -17.59 21.05 -24.39
C GLY B 636 -16.46 20.41 -23.61
N GLY B 637 -15.28 21.00 -23.60
CA GLY B 637 -14.11 20.32 -23.08
C GLY B 637 -13.35 19.42 -24.09
N LYS B 638 -13.93 19.10 -25.26
CA LYS B 638 -13.29 18.13 -26.19
C LYS B 638 -12.06 18.63 -26.90
N ARG B 639 -11.84 19.95 -26.87
CA ARG B 639 -10.59 20.59 -27.34
C ARG B 639 -10.43 20.81 -28.85
N PHE B 640 -10.99 19.89 -29.62
CA PHE B 640 -10.87 19.87 -31.08
C PHE B 640 -12.28 19.80 -31.62
N GLN B 641 -12.43 20.20 -32.88
CA GLN B 641 -13.71 20.12 -33.59
C GLN B 641 -13.91 18.70 -34.04
N PRO B 642 -15.15 18.33 -34.38
CA PRO B 642 -15.37 16.92 -34.63
C PRO B 642 -14.59 16.33 -35.82
N SER B 643 -14.04 17.17 -36.70
CA SER B 643 -13.23 16.65 -37.83
C SER B 643 -12.01 15.84 -37.30
N VAL B 644 -11.37 16.36 -36.26
CA VAL B 644 -10.21 15.72 -35.64
C VAL B 644 -10.59 14.55 -34.74
N LEU B 645 -11.71 14.66 -34.06
CA LEU B 645 -12.15 13.63 -33.16
C LEU B 645 -12.65 12.40 -33.81
N GLN B 646 -12.89 12.40 -35.13
CA GLN B 646 -13.25 11.17 -35.85
C GLN B 646 -12.06 10.16 -35.87
N TYR B 647 -10.84 10.67 -35.79
CA TYR B 647 -9.58 9.90 -35.84
C TYR B 647 -9.24 9.24 -34.45
N ARG B 648 -9.18 7.92 -34.48
CA ARG B 648 -9.10 7.11 -33.28
C ARG B 648 -7.93 6.18 -33.33
N VAL B 649 -7.41 5.84 -32.16
CA VAL B 649 -6.37 4.82 -31.96
C VAL B 649 -6.82 4.00 -30.75
N GLY B 650 -6.64 2.70 -30.84
CA GLY B 650 -7.11 1.81 -29.80
C GLY B 650 -8.57 2.01 -29.40
N GLY B 651 -9.41 2.49 -30.30
CA GLY B 651 -10.78 2.81 -29.96
C GLY B 651 -10.97 4.13 -29.23
N ARG B 652 -9.97 5.01 -29.24
CA ARG B 652 -10.03 6.27 -28.44
C ARG B 652 -9.64 7.42 -29.33
N ASP B 653 -10.38 8.52 -29.23
CA ASP B 653 -9.98 9.83 -29.83
C ASP B 653 -9.03 10.62 -28.92
N ILE B 654 -8.42 11.68 -29.46
CA ILE B 654 -7.42 12.44 -28.76
C ILE B 654 -7.94 13.14 -27.46
N SER B 655 -9.23 13.47 -27.41
CA SER B 655 -9.84 14.10 -26.21
C SER B 655 -9.97 13.08 -25.10
N GLU B 656 -10.37 11.85 -25.46
CA GLU B 656 -10.35 10.71 -24.56
C GLU B 656 -9.00 10.37 -23.97
N VAL B 657 -7.94 10.56 -24.74
CA VAL B 657 -6.61 10.36 -24.28
C VAL B 657 -6.17 11.45 -23.25
N PHE B 658 -6.44 12.71 -23.58
CA PHE B 658 -6.15 13.82 -22.68
C PHE B 658 -6.91 13.65 -21.36
N ALA B 659 -8.10 13.06 -21.39
CA ALA B 659 -8.90 12.78 -20.23
C ALA B 659 -8.43 11.55 -19.40
N MET B 660 -7.50 10.74 -19.93
CA MET B 660 -6.97 9.60 -19.22
C MET B 660 -6.03 9.98 -18.13
N PRO B 661 -6.21 9.38 -16.98
CA PRO B 661 -5.05 9.37 -16.02
C PRO B 661 -3.77 8.70 -16.48
N VAL B 662 -2.64 9.20 -16.03
CA VAL B 662 -1.33 8.69 -16.31
C VAL B 662 -1.39 7.16 -16.13
N ALA B 663 -2.09 6.66 -15.09
CA ALA B 663 -2.02 5.24 -14.81
C ALA B 663 -2.68 4.42 -15.98
N GLU B 664 -3.82 4.91 -16.46
CA GLU B 664 -4.58 4.27 -17.52
C GLU B 664 -3.81 4.40 -18.86
N ALA B 665 -3.22 5.57 -19.09
CA ALA B 665 -2.44 5.80 -20.28
C ALA B 665 -1.18 4.85 -20.35
N ALA B 666 -0.57 4.61 -19.21
CA ALA B 666 0.54 3.67 -19.03
C ALA B 666 0.24 2.23 -19.62
N GLU B 667 -0.99 1.78 -19.51
CA GLU B 667 -1.48 0.58 -20.06
C GLU B 667 -1.95 0.80 -21.51
N PHE B 668 -2.73 1.85 -21.78
CA PHE B 668 -3.24 2.13 -23.11
C PHE B 668 -2.15 2.15 -24.21
N PHE B 669 -1.06 2.85 -23.94
CA PHE B 669 0.02 3.02 -24.89
C PHE B 669 1.10 1.88 -24.84
N ARG B 670 0.81 0.76 -24.16
CA ARG B 670 1.80 -0.30 -23.97
C ARG B 670 1.73 -1.30 -25.10
N THR B 671 0.54 -1.60 -25.61
CA THR B 671 0.44 -2.64 -26.62
C THR B 671 -0.58 -2.29 -27.72
N GLY B 672 -0.68 -3.13 -28.75
CA GLY B 672 -1.69 -2.99 -29.79
C GLY B 672 -1.41 -1.82 -30.70
N GLU B 673 -2.45 -1.39 -31.42
CA GLU B 673 -2.39 -0.23 -32.31
C GLU B 673 -1.75 1.06 -31.67
N ALA B 674 -2.03 1.30 -30.39
CA ALA B 674 -1.60 2.55 -29.74
C ALA B 674 -0.22 2.49 -29.18
N ARG B 675 0.39 1.33 -29.26
CA ARG B 675 1.70 1.18 -28.70
C ARG B 675 2.59 2.34 -29.05
N THR B 676 3.17 2.99 -28.02
CA THR B 676 3.93 4.21 -28.17
C THR B 676 5.00 4.26 -27.09
N PRO B 677 6.15 3.61 -27.37
CA PRO B 677 7.16 3.44 -26.35
C PRO B 677 7.68 4.72 -25.67
N ALA B 678 7.86 5.81 -26.41
CA ALA B 678 8.44 7.05 -25.80
C ALA B 678 7.40 7.70 -24.85
N ALA B 679 6.10 7.50 -25.11
CA ALA B 679 5.09 7.92 -24.12
C ALA B 679 5.20 7.06 -22.86
N CYS B 680 5.36 5.74 -23.04
CA CYS B 680 5.45 4.82 -21.94
C CYS B 680 6.56 5.14 -20.99
N THR B 681 7.67 5.55 -21.54
CA THR B 681 8.77 6.02 -20.77
C THR B 681 8.49 7.17 -19.78
N VAL B 682 7.80 8.19 -20.24
CA VAL B 682 7.44 9.34 -19.38
C VAL B 682 6.36 8.91 -18.40
N LEU B 683 5.36 8.21 -18.90
CA LEU B 683 4.24 7.73 -18.09
C LEU B 683 4.68 6.88 -16.89
N ASP B 684 5.64 6.00 -17.09
CA ASP B 684 6.22 5.21 -15.97
C ASP B 684 6.92 6.11 -14.98
N ARG B 685 7.62 7.12 -15.44
CA ARG B 685 8.19 8.07 -14.51
C ARG B 685 7.17 8.88 -13.70
N LEU B 686 6.09 9.32 -14.33
CA LEU B 686 5.03 10.01 -13.62
C LEU B 686 4.39 9.07 -12.61
N ALA B 687 4.21 7.80 -12.97
CA ALA B 687 3.68 6.85 -12.02
C ALA B 687 4.63 6.69 -10.83
N GLU B 688 5.91 6.59 -11.12
CA GLU B 688 6.90 6.35 -10.10
C GLU B 688 7.02 7.52 -9.06
N VAL B 689 6.80 8.77 -9.46
CA VAL B 689 6.79 9.91 -8.54
C VAL B 689 5.46 10.10 -7.80
N GLY B 690 4.49 9.20 -8.03
CA GLY B 690 3.21 9.22 -7.39
C GLY B 690 2.10 9.98 -8.12
N LEU B 691 2.34 10.43 -9.34
CA LEU B 691 1.30 11.14 -10.15
C LEU B 691 0.43 10.33 -11.11
N GLY B 692 0.24 9.04 -10.82
CA GLY B 692 -0.51 8.15 -11.68
C GLY B 692 -1.93 8.56 -11.86
N TYR B 693 -2.44 9.34 -10.90
CA TYR B 693 -3.79 9.84 -11.00
C TYR B 693 -4.05 11.05 -11.89
N LEU B 694 -3.03 11.84 -12.21
CA LEU B 694 -3.24 13.01 -13.00
C LEU B 694 -3.68 12.68 -14.44
N SER B 695 -4.59 13.46 -14.99
CA SER B 695 -4.92 13.31 -16.42
C SER B 695 -3.90 13.98 -17.29
N LEU B 696 -3.66 13.38 -18.46
CA LEU B 696 -2.65 13.88 -19.39
C LEU B 696 -2.96 15.32 -19.82
N GLY B 697 -4.25 15.65 -19.89
CA GLY B 697 -4.70 17.00 -20.25
C GLY B 697 -5.01 17.95 -19.07
N GLN B 698 -4.70 17.58 -17.84
CA GLN B 698 -5.09 18.36 -16.71
C GLN B 698 -4.41 19.75 -16.73
N PRO B 699 -5.20 20.82 -16.66
CA PRO B 699 -4.42 22.10 -16.76
C PRO B 699 -3.43 22.28 -15.58
N LEU B 700 -2.22 22.70 -15.88
CA LEU B 700 -1.20 22.80 -14.86
C LEU B 700 -1.47 23.74 -13.73
N THR B 701 -2.32 24.75 -13.96
CA THR B 701 -2.80 25.66 -12.89
C THR B 701 -3.66 24.97 -11.85
N THR B 702 -4.20 23.79 -12.13
CA THR B 702 -4.98 23.05 -11.10
C THR B 702 -4.04 22.26 -10.17
N LEU B 703 -2.76 22.12 -10.50
CA LEU B 703 -1.86 21.33 -9.66
C LEU B 703 -1.52 22.07 -8.35
N SER B 704 -1.42 21.33 -7.26
CA SER B 704 -0.87 21.86 -6.00
C SER B 704 0.59 22.04 -6.13
N GLY B 705 1.20 22.75 -5.20
CA GLY B 705 2.63 22.90 -5.18
C GLY B 705 3.40 21.57 -5.11
N GLY B 706 2.97 20.61 -4.30
CA GLY B 706 3.68 19.33 -4.22
C GLY B 706 3.55 18.57 -5.55
N GLU B 707 2.35 18.66 -6.17
CA GLU B 707 2.14 18.11 -7.53
C GLU B 707 3.01 18.71 -8.52
N ARG B 708 3.16 20.03 -8.49
CA ARG B 708 4.06 20.68 -9.45
C ARG B 708 5.46 20.21 -9.27
N GLN B 709 5.89 20.14 -8.04
CA GLN B 709 7.24 19.68 -7.75
C GLN B 709 7.50 18.23 -8.22
N ARG B 710 6.56 17.34 -7.95
CA ARG B 710 6.72 15.92 -8.43
C ARG B 710 6.68 15.80 -9.97
N LEU B 711 5.86 16.62 -10.63
CA LEU B 711 5.89 16.72 -12.09
C LEU B 711 7.25 17.14 -12.58
N LYS B 712 7.87 18.10 -11.92
CA LYS B 712 9.18 18.58 -12.35
C LYS B 712 10.20 17.50 -12.05
N LEU B 713 10.07 16.87 -10.89
CA LEU B 713 10.98 15.80 -10.56
C LEU B 713 10.96 14.76 -11.65
N ALA B 714 9.78 14.31 -12.02
CA ALA B 714 9.65 13.32 -13.09
C ALA B 714 10.29 13.75 -14.40
N GLY B 715 10.05 15.00 -14.79
CA GLY B 715 10.64 15.62 -15.97
C GLY B 715 12.15 15.71 -15.95
N HIS B 716 12.78 15.88 -14.80
CA HIS B 716 14.27 15.87 -14.74
C HIS B 716 14.86 14.47 -14.67
N MET B 717 14.13 13.51 -14.12
CA MET B 717 14.55 12.11 -14.17
C MET B 717 14.79 11.66 -15.62
N GLY B 718 15.89 10.97 -15.81
CA GLY B 718 16.45 10.77 -17.13
C GLY B 718 17.86 11.30 -17.20
N GLY B 719 18.47 11.62 -16.03
CA GLY B 719 19.83 12.15 -15.96
C GLY B 719 19.88 13.60 -16.41
N ALA B 720 21.01 14.25 -16.14
CA ALA B 720 21.34 15.65 -16.52
C ALA B 720 22.38 16.15 -15.52
N GLY B 721 22.03 16.08 -14.24
CA GLY B 721 22.91 16.48 -13.16
C GLY B 721 22.88 15.49 -12.01
N SER B 722 23.72 15.75 -11.01
CA SER B 722 24.07 14.81 -9.96
C SER B 722 23.75 15.26 -8.48
N VAL B 723 23.22 16.48 -8.27
CA VAL B 723 22.81 16.96 -6.92
C VAL B 723 21.40 17.52 -7.02
N TYR B 724 20.45 16.84 -6.36
CA TYR B 724 19.04 17.20 -6.33
C TYR B 724 18.74 17.85 -4.99
N ILE B 725 18.09 19.03 -5.07
CA ILE B 725 17.57 19.73 -3.91
C ILE B 725 16.05 19.73 -3.98
N LEU B 726 15.42 19.24 -2.92
CA LEU B 726 13.97 19.18 -2.85
C LEU B 726 13.55 19.85 -1.56
N ASP B 727 12.75 20.89 -1.69
CA ASP B 727 12.17 21.58 -0.55
C ASP B 727 10.81 20.97 -0.18
N GLU B 728 10.67 20.34 0.98
CA GLU B 728 9.39 19.77 1.42
C GLU B 728 8.61 18.93 0.34
N PRO B 729 9.26 17.90 -0.24
CA PRO B 729 8.66 17.08 -1.27
C PRO B 729 7.54 16.20 -0.76
N THR B 730 7.32 16.10 0.56
CA THR B 730 6.18 15.33 1.07
C THR B 730 4.86 16.10 1.08
N SER B 731 4.86 17.37 0.71
CA SER B 731 3.59 18.18 0.88
C SER B 731 2.50 17.57 -0.04
N GLY B 732 1.32 17.40 0.51
CA GLY B 732 0.21 16.79 -0.17
C GLY B 732 0.25 15.23 -0.14
N LEU B 733 1.27 14.61 0.51
CA LEU B 733 1.36 13.14 0.55
C LEU B 733 0.85 12.47 1.79
N HIS B 734 -0.02 11.47 1.63
CA HIS B 734 -0.47 10.60 2.70
C HIS B 734 0.70 9.67 3.07
N LEU B 735 0.65 9.08 4.25
CA LEU B 735 1.76 8.27 4.71
C LEU B 735 1.96 7.06 3.73
N ALA B 736 0.87 6.47 3.24
CA ALA B 736 1.00 5.53 2.05
C ALA B 736 1.96 6.07 0.93
N ASP B 737 1.78 7.33 0.51
CA ASP B 737 2.49 7.86 -0.63
C ASP B 737 3.99 8.13 -0.30
N VAL B 738 4.30 8.44 0.96
CA VAL B 738 5.64 8.86 1.36
C VAL B 738 6.65 7.68 1.21
N GLU B 739 6.21 6.47 1.48
CA GLU B 739 7.00 5.25 1.26
C GLU B 739 7.46 5.15 -0.18
N GLN B 740 6.55 5.46 -1.10
CA GLN B 740 6.88 5.46 -2.50
C GLN B 740 7.85 6.55 -2.88
N LEU B 741 7.71 7.73 -2.30
CA LEU B 741 8.70 8.78 -2.59
C LEU B 741 10.08 8.34 -2.04
N LEU B 742 10.09 7.74 -0.88
CA LEU B 742 11.34 7.31 -0.21
C LEU B 742 12.06 6.21 -1.03
N ARG B 743 11.29 5.29 -1.61
CA ARG B 743 11.86 4.34 -2.62
C ARG B 743 12.44 5.07 -3.80
N LEU B 744 11.74 6.07 -4.31
CA LEU B 744 12.24 6.82 -5.41
C LEU B 744 13.54 7.54 -5.07
N LEU B 745 13.58 8.22 -3.93
CA LEU B 745 14.81 8.87 -3.49
C LEU B 745 15.97 7.88 -3.26
N ASP B 746 15.69 6.71 -2.71
CA ASP B 746 16.72 5.70 -2.58
C ASP B 746 17.28 5.28 -3.98
N ARG B 747 16.44 5.14 -4.98
CA ARG B 747 16.94 4.76 -6.32
C ARG B 747 17.76 5.88 -6.86
N LEU B 748 17.31 7.09 -6.68
CA LEU B 748 18.14 8.24 -7.08
C LEU B 748 19.52 8.17 -6.43
N VAL B 749 19.61 8.08 -5.10
CA VAL B 749 20.92 8.09 -4.43
C VAL B 749 21.77 6.91 -4.93
N ASP B 750 21.17 5.74 -5.03
CA ASP B 750 21.91 4.53 -5.37
C ASP B 750 22.44 4.51 -6.81
N SER B 751 21.85 5.27 -7.71
CA SER B 751 22.36 5.38 -9.06
C SER B 751 23.49 6.42 -9.14
N GLY B 752 23.91 6.95 -7.98
CA GLY B 752 25.14 7.74 -7.83
C GLY B 752 24.95 9.23 -7.53
N LYS B 753 23.72 9.66 -7.32
CA LYS B 753 23.40 11.06 -7.11
C LYS B 753 23.38 11.43 -5.64
N THR B 754 23.63 12.73 -5.36
CA THR B 754 23.41 13.32 -4.04
C THR B 754 21.95 13.84 -3.94
N VAL B 755 21.29 13.57 -2.82
CA VAL B 755 19.95 14.11 -2.62
C VAL B 755 19.87 14.84 -1.28
N ILE B 756 19.49 16.12 -1.36
CA ILE B 756 19.38 17.01 -0.23
C ILE B 756 17.91 17.44 -0.11
N VAL B 757 17.30 17.11 1.00
CA VAL B 757 15.88 17.35 1.15
C VAL B 757 15.70 18.24 2.40
N VAL B 758 14.96 19.34 2.27
CA VAL B 758 14.52 20.12 3.42
C VAL B 758 13.14 19.63 3.80
N GLU B 759 13.00 19.15 5.03
CA GLU B 759 11.77 18.58 5.52
C GLU B 759 11.48 18.75 6.99
N HIS B 760 10.21 18.74 7.29
CA HIS B 760 9.68 18.56 8.63
C HIS B 760 9.06 17.20 8.81
N HIS B 761 8.94 16.41 7.72
CA HIS B 761 8.22 15.11 7.82
C HIS B 761 9.17 14.10 8.49
N GLN B 762 8.81 13.59 9.63
CA GLN B 762 9.73 12.76 10.42
C GLN B 762 10.04 11.36 9.79
N ALA B 763 9.18 10.90 8.89
CA ALA B 763 9.43 9.68 8.07
C ALA B 763 10.60 9.90 7.16
N VAL B 764 10.77 11.10 6.65
CA VAL B 764 11.83 11.33 5.77
C VAL B 764 13.14 11.45 6.61
N MET B 765 13.02 12.17 7.74
CA MET B 765 14.15 12.32 8.67
C MET B 765 14.67 10.94 9.04
N ALA B 766 13.75 10.04 9.41
CA ALA B 766 14.09 8.69 9.89
C ALA B 766 14.81 7.89 8.83
N HIS B 767 14.60 8.22 7.56
CA HIS B 767 15.23 7.57 6.43
C HIS B 767 16.54 8.15 5.92
N ALA B 768 17.00 9.22 6.55
CA ALA B 768 18.15 9.87 6.13
C ALA B 768 19.47 9.09 6.47
N ASP B 769 20.44 9.35 5.62
CA ASP B 769 21.87 9.04 5.91
C ASP B 769 22.56 10.09 6.84
N TRP B 770 22.07 11.34 6.79
CA TRP B 770 22.70 12.45 7.49
C TRP B 770 21.64 13.52 7.70
N ILE B 771 21.63 14.11 8.89
CA ILE B 771 20.79 15.25 9.21
C ILE B 771 21.64 16.47 9.57
N ILE B 772 21.29 17.60 8.96
CA ILE B 772 21.75 18.96 9.38
C ILE B 772 20.56 19.76 9.95
N ASP B 773 20.59 20.04 11.24
CA ASP B 773 19.51 20.64 11.96
C ASP B 773 19.88 22.07 12.23
N LEU B 774 19.02 22.98 11.77
CA LEU B 774 19.12 24.43 12.04
C LEU B 774 18.30 24.90 13.22
N GLY B 775 18.86 25.94 13.84
CA GLY B 775 18.36 26.44 15.09
C GLY B 775 19.34 27.38 15.84
N PRO B 776 19.11 27.49 17.15
CA PRO B 776 18.09 26.71 17.88
C PRO B 776 16.64 26.98 17.52
N GLY B 777 16.28 28.26 17.43
CA GLY B 777 14.90 28.68 17.02
C GLY B 777 14.84 29.39 15.67
N ALA B 778 13.95 30.35 15.59
CA ALA B 778 13.67 31.04 14.34
C ALA B 778 14.31 32.43 14.33
N GLY B 779 14.66 32.94 13.16
CA GLY B 779 15.12 34.33 13.07
C GLY B 779 16.44 34.46 13.80
N HIS B 780 16.60 35.49 14.65
CA HIS B 780 17.92 35.68 15.33
C HIS B 780 18.10 34.73 16.50
N ASP B 781 17.02 34.05 16.93
CA ASP B 781 17.11 32.85 17.79
C ASP B 781 17.63 31.56 17.06
N GLY B 782 17.88 31.65 15.75
CA GLY B 782 18.36 30.59 14.94
C GLY B 782 19.51 30.96 14.07
N GLY B 783 19.54 30.44 12.82
CA GLY B 783 20.59 30.68 11.88
C GLY B 783 21.93 29.92 12.13
N ARG B 784 21.95 28.98 13.08
CA ARG B 784 23.16 28.18 13.41
C ARG B 784 22.90 26.67 13.12
N VAL B 785 23.94 25.90 12.76
CA VAL B 785 23.82 24.42 12.76
C VAL B 785 23.88 23.95 14.16
N VAL B 786 22.74 23.45 14.73
CA VAL B 786 22.73 22.94 16.11
C VAL B 786 23.01 21.40 16.18
N PHE B 787 23.01 20.70 15.06
CA PHE B 787 23.34 19.27 15.03
C PHE B 787 23.69 18.92 13.63
N GLU B 788 24.72 18.09 13.51
CA GLU B 788 25.03 17.50 12.22
C GLU B 788 25.53 16.10 12.49
N GLY B 789 24.98 15.10 11.80
CA GLY B 789 25.18 13.71 12.24
C GLY B 789 24.15 12.75 11.68
N THR B 790 24.22 11.51 12.15
CA THR B 790 23.36 10.50 11.61
C THR B 790 22.06 10.61 12.39
N PRO B 791 20.99 10.06 11.80
CA PRO B 791 19.78 10.08 12.57
C PRO B 791 19.88 9.37 13.88
N ALA B 792 20.65 8.27 13.92
CA ALA B 792 20.79 7.53 15.17
C ALA B 792 21.46 8.41 16.23
N ASP B 793 22.48 9.14 15.84
CA ASP B 793 23.15 10.04 16.86
C ASP B 793 22.22 11.20 17.31
N LEU B 794 21.41 11.71 16.37
CA LEU B 794 20.39 12.70 16.71
C LEU B 794 19.46 12.20 17.74
N VAL B 795 18.96 11.00 17.52
CA VAL B 795 17.98 10.40 18.41
C VAL B 795 18.57 10.03 19.76
N ALA B 796 19.81 9.54 19.74
CA ALA B 796 20.51 9.16 20.98
C ALA B 796 20.70 10.45 21.89
N ALA B 797 21.15 11.54 21.29
CA ALA B 797 21.24 12.85 22.01
C ALA B 797 19.92 13.45 22.58
N ARG B 798 18.84 13.50 21.79
CA ARG B 798 17.60 14.22 22.13
C ARG B 798 17.84 15.66 22.61
N SER B 799 18.90 16.27 22.03
CA SER B 799 19.52 17.52 22.45
C SER B 799 18.89 18.79 21.80
N THR B 800 18.19 18.59 20.68
CA THR B 800 17.58 19.64 19.87
C THR B 800 16.12 19.38 19.77
N LEU B 801 15.39 20.41 19.36
CA LEU B 801 13.95 20.26 19.19
C LEU B 801 13.71 19.11 18.17
N THR B 802 14.45 19.12 17.06
CA THR B 802 14.30 18.05 16.03
C THR B 802 14.58 16.69 16.66
N GLY B 803 15.74 16.56 17.33
CA GLY B 803 16.13 15.29 17.96
C GLY B 803 15.11 14.81 18.97
N GLU B 804 14.54 15.70 19.76
CA GLU B 804 13.56 15.27 20.74
C GLU B 804 12.29 14.70 20.12
N HIS B 805 11.79 15.40 19.12
CA HIS B 805 10.59 14.95 18.45
C HIS B 805 10.83 13.63 17.68
N LEU B 806 11.94 13.54 17.02
CA LEU B 806 12.28 12.41 16.17
C LEU B 806 12.46 11.19 17.08
N ALA B 807 13.06 11.39 18.26
CA ALA B 807 13.19 10.31 19.18
C ALA B 807 11.81 9.81 19.65
N GLN B 808 10.87 10.70 19.93
CA GLN B 808 9.56 10.22 20.29
C GLN B 808 8.86 9.54 19.11
N TYR B 809 9.07 10.08 17.93
CA TYR B 809 8.42 9.57 16.74
C TYR B 809 8.80 8.08 16.43
N VAL B 810 10.09 7.80 16.47
CA VAL B 810 10.59 6.39 16.36
C VAL B 810 10.41 5.50 17.63
N GLY B 811 9.70 5.96 18.65
CA GLY B 811 9.30 5.14 19.78
C GLY B 811 10.41 4.97 20.78
N ALA B 812 11.47 5.79 20.66
CA ALA B 812 12.64 5.76 21.58
C ALA B 812 12.33 6.47 22.92
#